data_7FFU
#
_entry.id   7FFU
#
_cell.length_a   137.831
_cell.length_b   156.729
_cell.length_c   107.313
_cell.angle_alpha   90.000
_cell.angle_beta   90.000
_cell.angle_gamma   90.000
#
_symmetry.space_group_name_H-M   'C 2 2 21'
#
loop_
_entity.id
_entity.type
_entity.pdbx_description
1 polymer Serotransferrin
2 non-polymer 'FE (III) ION'
3 non-polymer 'MALONATE ION'
4 non-polymer 'OSMIUM ION'
5 water water
#
_entity_poly.entity_id   1
_entity_poly.type   'polypeptide(L)'
_entity_poly.pdbx_seq_one_letter_code
;VPDKTVRWCAVSEHEATKCQSFRDHMKSVIPSDGPSVACVKKASYLDCIRAIAANEADAVTLDAGLVYDAYLAPNNLKPV
VAEFYGSKEDPQTFYYAVAVVKKDSGFQMNQLRGKKSCHTGLGRSAGWNIPIGLLYCDLPEPRKPLEKAVANFFSGSCAP
CADGTDFPQLCQLCPGCGCSTLNQYFGYSGAFKCLKDGAGDVAFVKHSTIFENLANKADRDQYELLCLDNTRKPVDEYKD
CHLAQVPSHTVVARSMGGKEDLIWELLNQAQEHFGKDKSKEFQLFSSPHGKDLLFKDSAHGFLKVPPRMDAKMYLGYEYV
TAIRNLREGTCPEAPTDECKPVKWCALSHHERLKCDEWSVNSVGKIECVSAETTEDCIAKIMNGEADAMSLDGGFVYIAG
KCGLVPVLAENYNKSDNCEDTPEAGYFAVAVVKKSASDLTWDNLKGKKSCHTAVGRTAGWNIPMGLLYNKINHCRFDEFF
SEGCAPGSKKDSSLCKLCMGSGLNLCEPNNKEGYYGYTGAFRCLVEKGDVAFVKHQTVPQNTGGKNPDPWAKNLNEKDYE
LLCLDGTRKPVEEYANCHLARAPNHAVVTRKDKEACVHKILRQQQHLFGSNVTDCSGNFCLFRSETKDLLFRDDTVCLAK
LHDRNTYEKYLGEEYVKAVGNLRKCSTSSLLEACTFRRP
;
_entity_poly.pdbx_strand_id   A
#
loop_
_chem_comp.id
_chem_comp.type
_chem_comp.name
_chem_comp.formula
FE non-polymer 'FE (III) ION' 'Fe 3'
MLI non-polymer 'MALONATE ION' 'C3 H2 O4 -2'
OS non-polymer 'OSMIUM ION' 'Os 3'
#
# COMPACT_ATOMS: atom_id res chain seq x y z
N ASP A 3 -10.84 12.60 -32.43
CA ASP A 3 -11.98 12.44 -31.54
C ASP A 3 -11.53 12.05 -30.13
N LYS A 4 -12.35 12.37 -29.14
CA LYS A 4 -12.09 11.94 -27.77
C LYS A 4 -13.11 10.88 -27.39
N THR A 5 -13.14 9.77 -28.14
CA THR A 5 -14.16 8.75 -27.98
C THR A 5 -13.69 7.67 -27.01
N VAL A 6 -14.54 7.32 -26.05
CA VAL A 6 -14.33 6.16 -25.19
C VAL A 6 -15.20 5.04 -25.72
N ARG A 7 -14.57 3.96 -26.18
CA ARG A 7 -15.28 2.79 -26.68
C ARG A 7 -15.59 1.87 -25.51
N TRP A 8 -16.84 1.88 -25.06
CA TRP A 8 -17.22 1.02 -23.95
C TRP A 8 -17.56 -0.36 -24.47
N CYS A 9 -17.19 -1.37 -23.72
CA CYS A 9 -17.37 -2.73 -24.16
C CYS A 9 -18.49 -3.36 -23.34
N ALA A 10 -19.50 -3.90 -24.03
CA ALA A 10 -20.65 -4.55 -23.43
C ALA A 10 -20.57 -6.05 -23.69
N VAL A 11 -21.11 -6.83 -22.77
CA VAL A 11 -21.06 -8.28 -22.84
C VAL A 11 -22.44 -8.88 -23.09
N SER A 12 -23.43 -8.06 -23.44
CA SER A 12 -24.76 -8.58 -23.71
C SER A 12 -25.49 -7.59 -24.60
N GLU A 13 -26.62 -8.05 -25.16
CA GLU A 13 -27.44 -7.17 -25.97
C GLU A 13 -28.14 -6.12 -25.13
N HIS A 14 -28.63 -6.50 -23.94
CA HIS A 14 -29.16 -5.51 -23.01
C HIS A 14 -28.11 -4.47 -22.63
N GLU A 15 -26.87 -4.91 -22.40
CA GLU A 15 -25.81 -3.97 -22.06
C GLU A 15 -25.50 -3.06 -23.24
N ALA A 16 -25.51 -3.59 -24.47
CA ALA A 16 -25.26 -2.76 -25.64
C ALA A 16 -26.35 -1.70 -25.81
N THR A 17 -27.60 -2.05 -25.50
CA THR A 17 -28.68 -1.08 -25.60
C THR A 17 -28.52 0.05 -24.58
N LYS A 18 -28.15 -0.29 -23.34
CA LYS A 18 -27.95 0.74 -22.33
C LYS A 18 -26.83 1.70 -22.73
N CYS A 19 -25.70 1.13 -23.18
CA CYS A 19 -24.54 1.90 -23.64
C CYS A 19 -24.92 2.86 -24.76
N GLN A 20 -25.79 2.40 -25.67
CA GLN A 20 -26.23 3.26 -26.76
C GLN A 20 -27.07 4.42 -26.23
N SER A 21 -27.93 4.17 -25.24
CA SER A 21 -28.63 5.26 -24.57
C SER A 21 -27.65 6.12 -23.80
N PHE A 22 -26.69 5.51 -23.11
CA PHE A 22 -25.60 6.23 -22.49
C PHE A 22 -24.94 7.18 -23.48
N ARG A 23 -24.56 6.64 -24.66
CA ARG A 23 -23.88 7.43 -25.68
C ARG A 23 -24.73 8.61 -26.14
N ASP A 24 -26.03 8.40 -26.33
CA ASP A 24 -26.89 9.43 -26.90
C ASP A 24 -27.21 10.55 -25.91
N HIS A 25 -27.37 10.22 -24.64
CA HIS A 25 -27.70 11.25 -23.64
C HIS A 25 -26.48 12.10 -23.32
N MET A 26 -25.28 11.48 -23.31
CA MET A 26 -24.06 12.25 -23.04
C MET A 26 -23.82 13.29 -24.12
N LYS A 27 -24.16 12.98 -25.37
CA LYS A 27 -24.02 13.94 -26.46
C LYS A 27 -24.80 15.21 -26.19
N SER A 28 -25.88 15.13 -25.42
CA SER A 28 -26.72 16.28 -25.11
C SER A 28 -26.25 17.04 -23.89
N VAL A 29 -25.22 16.55 -23.21
CA VAL A 29 -24.71 17.19 -22.01
C VAL A 29 -23.25 17.60 -22.13
N ILE A 30 -22.47 16.95 -22.97
CA ILE A 30 -21.04 17.23 -23.11
C ILE A 30 -20.83 18.08 -24.35
N PRO A 31 -20.11 19.20 -24.26
CA PRO A 31 -19.84 19.99 -25.46
C PRO A 31 -18.98 19.20 -26.44
N SER A 32 -18.89 19.72 -27.67
CA SER A 32 -18.28 18.95 -28.76
C SER A 32 -16.80 18.67 -28.50
N ASP A 33 -16.13 19.51 -27.72
CA ASP A 33 -14.73 19.27 -27.40
C ASP A 33 -14.54 18.16 -26.37
N GLY A 34 -15.62 17.62 -25.82
CA GLY A 34 -15.53 16.70 -24.72
C GLY A 34 -15.62 15.24 -25.13
N PRO A 35 -15.55 14.34 -24.15
CA PRO A 35 -15.52 12.91 -24.47
C PRO A 35 -16.88 12.41 -24.93
N SER A 36 -16.86 11.45 -25.85
CA SER A 36 -18.06 10.82 -26.36
C SER A 36 -17.93 9.31 -26.23
N VAL A 37 -19.08 8.62 -26.30
CA VAL A 37 -19.15 7.19 -26.08
C VAL A 37 -19.31 6.48 -27.42
N ALA A 38 -18.59 5.39 -27.59
CA ALA A 38 -18.87 4.37 -28.59
C ALA A 38 -19.10 3.06 -27.85
N CYS A 39 -19.88 2.18 -28.47
CA CYS A 39 -20.33 0.97 -27.82
C CYS A 39 -19.92 -0.23 -28.65
N VAL A 40 -19.02 -1.05 -28.10
CA VAL A 40 -18.56 -2.29 -28.73
C VAL A 40 -19.18 -3.45 -27.97
N LYS A 41 -19.72 -4.43 -28.70
CA LYS A 41 -20.46 -5.54 -28.09
C LYS A 41 -19.71 -6.85 -28.31
N LYS A 42 -19.37 -7.53 -27.22
CA LYS A 42 -18.67 -8.81 -27.26
C LYS A 42 -19.49 -9.87 -26.54
N ALA A 43 -19.00 -11.10 -26.61
CA ALA A 43 -19.75 -12.25 -26.08
C ALA A 43 -19.52 -12.46 -24.60
N SER A 44 -18.39 -12.00 -24.05
CA SER A 44 -18.03 -12.34 -22.69
C SER A 44 -17.14 -11.23 -22.13
N TYR A 45 -16.93 -11.28 -20.81
CA TYR A 45 -15.97 -10.39 -20.18
C TYR A 45 -14.57 -10.65 -20.69
N LEU A 46 -14.22 -11.93 -20.89
CA LEU A 46 -12.92 -12.28 -21.46
C LEU A 46 -12.73 -11.65 -22.84
N ASP A 47 -13.78 -11.64 -23.66
CA ASP A 47 -13.66 -11.11 -25.01
C ASP A 47 -13.52 -9.60 -25.01
N CYS A 48 -14.18 -8.92 -24.07
CA CYS A 48 -14.01 -7.48 -23.89
C CYS A 48 -12.61 -7.14 -23.40
N ILE A 49 -12.06 -7.95 -22.49
CA ILE A 49 -10.69 -7.77 -22.04
C ILE A 49 -9.72 -7.86 -23.21
N ARG A 50 -9.92 -8.85 -24.09
CA ARG A 50 -9.02 -8.98 -25.25
C ARG A 50 -9.26 -7.85 -26.24
N ALA A 51 -10.52 -7.43 -26.42
CA ALA A 51 -10.80 -6.33 -27.32
C ALA A 51 -10.11 -5.05 -26.85
N ILE A 52 -10.07 -4.82 -25.55
CA ILE A 52 -9.41 -3.62 -25.03
C ILE A 52 -7.89 -3.73 -25.19
N ALA A 53 -7.33 -4.90 -24.89
CA ALA A 53 -5.91 -5.10 -25.11
C ALA A 53 -5.54 -4.95 -26.58
N ALA A 54 -6.43 -5.38 -27.48
CA ALA A 54 -6.21 -5.29 -28.91
C ALA A 54 -6.50 -3.90 -29.46
N ASN A 55 -6.85 -2.93 -28.60
CA ASN A 55 -7.18 -1.56 -29.01
C ASN A 55 -8.44 -1.52 -29.89
N GLU A 56 -9.42 -2.34 -29.52
CA GLU A 56 -10.75 -2.29 -30.14
C GLU A 56 -11.79 -1.63 -29.24
N ALA A 57 -11.50 -1.54 -27.96
CA ALA A 57 -12.35 -0.89 -26.99
C ALA A 57 -11.43 -0.32 -25.94
N ASP A 58 -11.99 0.48 -25.06
CA ASP A 58 -11.17 1.19 -24.09
C ASP A 58 -11.51 0.85 -22.65
N ALA A 59 -12.73 0.42 -22.35
CA ALA A 59 -13.14 0.31 -20.96
C ALA A 59 -14.23 -0.74 -20.78
N VAL A 60 -14.19 -1.40 -19.63
CA VAL A 60 -15.23 -2.33 -19.18
C VAL A 60 -15.13 -2.39 -17.66
N THR A 61 -16.23 -2.78 -17.02
CA THR A 61 -16.30 -2.86 -15.57
C THR A 61 -16.35 -4.33 -15.13
N LEU A 62 -15.49 -4.70 -14.20
CA LEU A 62 -15.23 -6.10 -13.90
C LEU A 62 -15.32 -6.36 -12.40
N ASP A 63 -15.70 -7.60 -12.07
CA ASP A 63 -15.52 -8.10 -10.73
C ASP A 63 -14.04 -8.42 -10.49
N ALA A 64 -13.70 -8.67 -9.22
CA ALA A 64 -12.29 -8.75 -8.83
C ALA A 64 -11.57 -9.86 -9.58
N GLY A 65 -12.19 -11.04 -9.68
CA GLY A 65 -11.55 -12.14 -10.40
C GLY A 65 -11.15 -11.76 -11.82
N LEU A 66 -12.03 -11.03 -12.51
CA LEU A 66 -11.72 -10.64 -13.88
C LEU A 66 -10.75 -9.47 -13.94
N VAL A 67 -10.69 -8.65 -12.89
CA VAL A 67 -9.62 -7.67 -12.79
C VAL A 67 -8.27 -8.39 -12.79
N TYR A 68 -8.21 -9.55 -12.12
CA TYR A 68 -6.98 -10.33 -12.14
C TYR A 68 -6.69 -10.85 -13.54
N ASP A 69 -7.70 -11.40 -14.20
CA ASP A 69 -7.51 -11.91 -15.56
C ASP A 69 -7.09 -10.80 -16.51
N ALA A 70 -7.71 -9.62 -16.38
CA ALA A 70 -7.39 -8.51 -17.27
C ALA A 70 -5.94 -8.06 -17.12
N TYR A 71 -5.33 -8.33 -15.97
CA TYR A 71 -3.96 -7.87 -15.72
C TYR A 71 -2.93 -8.80 -16.35
N LEU A 72 -3.21 -10.11 -16.36
CA LEU A 72 -2.24 -11.08 -16.85
C LEU A 72 -1.87 -10.78 -18.30
N ALA A 73 -0.60 -10.99 -18.62
CA ALA A 73 -0.17 -10.94 -20.00
C ALA A 73 -0.95 -11.97 -20.81
N PRO A 74 -1.27 -11.68 -22.08
CA PRO A 74 -0.87 -10.47 -22.81
C PRO A 74 -1.85 -9.31 -22.71
N ASN A 75 -2.84 -9.40 -21.81
CA ASN A 75 -3.85 -8.35 -21.72
C ASN A 75 -3.29 -7.08 -21.09
N ASN A 76 -2.75 -7.19 -19.88
CA ASN A 76 -2.09 -6.08 -19.19
C ASN A 76 -3.00 -4.88 -19.00
N LEU A 77 -4.25 -5.14 -18.60
CA LEU A 77 -5.14 -4.05 -18.26
C LEU A 77 -4.86 -3.58 -16.82
N LYS A 78 -5.43 -2.42 -16.48
CA LYS A 78 -5.12 -1.71 -15.24
C LYS A 78 -6.40 -1.10 -14.68
N PRO A 79 -6.57 -1.09 -13.36
CA PRO A 79 -7.73 -0.40 -12.77
C PRO A 79 -7.60 1.10 -12.92
N VAL A 80 -8.71 1.76 -13.26
CA VAL A 80 -8.65 3.21 -13.49
C VAL A 80 -9.78 3.96 -12.80
N VAL A 81 -10.97 3.34 -12.68
CA VAL A 81 -12.09 3.98 -12.00
C VAL A 81 -12.79 2.93 -11.14
N ALA A 82 -13.23 3.35 -9.95
CA ALA A 82 -13.89 2.47 -8.99
C ALA A 82 -15.35 2.88 -8.84
N GLU A 83 -16.23 1.89 -8.85
CA GLU A 83 -17.58 2.10 -8.33
C GLU A 83 -17.53 2.18 -6.81
N PHE A 84 -18.24 3.13 -6.23
CA PHE A 84 -18.41 3.14 -4.79
C PHE A 84 -19.89 3.00 -4.45
N TYR A 85 -20.12 2.57 -3.21
CA TYR A 85 -21.45 2.27 -2.70
C TYR A 85 -21.60 2.96 -1.35
N GLY A 86 -22.80 2.89 -0.78
CA GLY A 86 -23.04 3.48 0.51
C GLY A 86 -23.34 4.98 0.45
N SER A 87 -22.31 5.81 0.51
CA SER A 87 -22.54 7.24 0.66
C SER A 87 -21.36 8.01 0.11
N LYS A 88 -21.63 9.25 -0.33
CA LYS A 88 -20.57 10.13 -0.81
C LYS A 88 -19.61 10.47 0.32
N GLU A 89 -20.11 10.62 1.54
CA GLU A 89 -19.26 10.95 2.67
C GLU A 89 -18.37 9.76 3.06
N ASP A 90 -18.93 8.56 3.06
CA ASP A 90 -18.19 7.34 3.39
C ASP A 90 -18.34 6.34 2.24
N PRO A 91 -17.68 6.57 1.12
CA PRO A 91 -17.76 5.62 0.00
C PRO A 91 -17.17 4.27 0.38
N GLN A 92 -17.88 3.21 0.00
CA GLN A 92 -17.43 1.84 0.20
C GLN A 92 -17.03 1.27 -1.15
N THR A 93 -15.72 1.13 -1.37
CA THR A 93 -15.20 0.61 -2.62
C THR A 93 -14.83 -0.86 -2.55
N PHE A 94 -14.41 -1.34 -1.38
CA PHE A 94 -13.99 -2.71 -1.18
C PHE A 94 -14.87 -3.37 -0.14
N TYR A 95 -14.88 -4.70 -0.15
CA TYR A 95 -15.34 -5.49 0.98
C TYR A 95 -14.18 -6.33 1.48
N TYR A 96 -14.36 -6.96 2.63
CA TYR A 96 -13.33 -7.76 3.26
C TYR A 96 -13.85 -9.17 3.47
N ALA A 97 -13.19 -10.15 2.87
CA ALA A 97 -13.46 -11.55 3.18
C ALA A 97 -12.82 -11.89 4.52
N VAL A 98 -13.62 -12.33 5.47
CA VAL A 98 -13.16 -12.62 6.81
C VAL A 98 -13.52 -14.05 7.19
N ALA A 99 -12.82 -14.57 8.19
CA ALA A 99 -13.08 -15.88 8.78
C ALA A 99 -13.52 -15.63 10.22
N VAL A 100 -14.81 -15.77 10.47
CA VAL A 100 -15.37 -15.53 11.81
C VAL A 100 -15.39 -16.83 12.58
N VAL A 101 -15.06 -16.75 13.87
CA VAL A 101 -15.07 -17.88 14.78
C VAL A 101 -15.72 -17.43 16.09
N LYS A 102 -16.08 -18.41 16.90
CA LYS A 102 -16.62 -18.12 18.23
C LYS A 102 -15.48 -17.87 19.20
N LYS A 103 -15.68 -16.92 20.10
CA LYS A 103 -14.64 -16.57 21.06
C LYS A 103 -14.26 -17.80 21.88
N ASP A 104 -12.95 -17.99 22.07
CA ASP A 104 -12.37 -19.02 22.92
C ASP A 104 -12.50 -20.42 22.35
N SER A 105 -12.70 -20.57 21.03
CA SER A 105 -12.77 -21.91 20.46
C SER A 105 -11.40 -22.54 20.30
N GLY A 106 -10.33 -21.78 20.49
CA GLY A 106 -9.01 -22.35 20.72
C GLY A 106 -8.21 -22.75 19.50
N PHE A 107 -8.40 -22.10 18.36
CA PHE A 107 -7.60 -22.45 17.20
C PHE A 107 -7.36 -21.21 16.34
N GLN A 108 -6.30 -21.29 15.54
CA GLN A 108 -5.87 -20.21 14.66
C GLN A 108 -5.99 -20.64 13.21
N MET A 109 -5.71 -19.69 12.30
CA MET A 109 -5.88 -19.92 10.87
C MET A 109 -5.09 -21.12 10.38
N ASN A 110 -3.90 -21.36 10.95
CA ASN A 110 -3.08 -22.50 10.56
C ASN A 110 -3.43 -23.77 11.32
N GLN A 111 -4.63 -23.83 11.92
CA GLN A 111 -5.11 -25.02 12.59
C GLN A 111 -6.53 -25.36 12.14
N LEU A 112 -6.87 -25.01 10.90
CA LEU A 112 -8.23 -25.22 10.41
C LEU A 112 -8.49 -26.67 10.01
N ARG A 113 -7.45 -27.44 9.72
CA ARG A 113 -7.64 -28.84 9.32
C ARG A 113 -8.34 -29.61 10.43
N GLY A 114 -9.41 -30.32 10.07
CA GLY A 114 -10.19 -31.07 11.03
C GLY A 114 -11.36 -30.31 11.62
N LYS A 115 -11.40 -28.99 11.46
CA LYS A 115 -12.50 -28.20 11.98
C LYS A 115 -13.72 -28.34 11.07
N LYS A 116 -14.84 -27.80 11.54
CA LYS A 116 -16.08 -27.77 10.77
C LYS A 116 -16.27 -26.38 10.19
N SER A 117 -16.52 -26.31 8.88
CA SER A 117 -16.51 -25.05 8.14
C SER A 117 -17.87 -24.76 7.54
N CYS A 118 -18.19 -23.47 7.47
CA CYS A 118 -19.43 -22.97 6.89
C CYS A 118 -19.08 -22.02 5.74
N HIS A 119 -19.59 -22.30 4.55
CA HIS A 119 -19.33 -21.48 3.39
C HIS A 119 -20.63 -20.88 2.87
N THR A 120 -20.55 -19.65 2.35
CA THR A 120 -21.72 -19.05 1.73
C THR A 120 -22.18 -19.88 0.55
N GLY A 121 -21.24 -20.45 -0.20
CA GLY A 121 -21.55 -21.29 -1.33
C GLY A 121 -20.29 -21.59 -2.12
N LEU A 122 -20.21 -22.79 -2.69
CA LEU A 122 -19.09 -23.12 -3.55
C LEU A 122 -19.07 -22.21 -4.77
N GLY A 123 -17.90 -21.70 -5.10
CA GLY A 123 -17.74 -20.80 -6.22
C GLY A 123 -17.80 -19.33 -5.88
N ARG A 124 -18.20 -18.97 -4.67
CA ARG A 124 -18.28 -17.58 -4.27
C ARG A 124 -16.94 -17.10 -3.70
N SER A 125 -16.78 -15.77 -3.68
CA SER A 125 -15.51 -15.13 -3.37
C SER A 125 -15.13 -15.28 -1.90
N ALA A 126 -15.88 -14.63 -1.02
CA ALA A 126 -15.52 -14.65 0.41
C ALA A 126 -15.77 -16.02 1.02
N GLY A 127 -16.76 -16.76 0.52
CA GLY A 127 -17.13 -18.04 1.08
C GLY A 127 -16.37 -19.23 0.57
N TRP A 128 -15.66 -19.11 -0.56
CA TRP A 128 -15.00 -20.28 -1.12
C TRP A 128 -13.68 -19.94 -1.80
N ASN A 129 -13.71 -19.14 -2.85
CA ASN A 129 -12.52 -18.96 -3.70
C ASN A 129 -11.35 -18.38 -2.92
N ILE A 130 -11.60 -17.42 -2.04
CA ILE A 130 -10.50 -16.81 -1.29
C ILE A 130 -10.02 -17.73 -0.17
N PRO A 131 -10.88 -18.20 0.75
CA PRO A 131 -10.37 -19.11 1.80
C PRO A 131 -9.74 -20.38 1.25
N ILE A 132 -10.37 -21.03 0.28
CA ILE A 132 -9.77 -22.23 -0.30
C ILE A 132 -8.52 -21.87 -1.09
N GLY A 133 -8.49 -20.70 -1.72
CA GLY A 133 -7.29 -20.26 -2.40
C GLY A 133 -6.12 -20.09 -1.45
N LEU A 134 -6.36 -19.47 -0.28
CA LEU A 134 -5.30 -19.29 0.70
C LEU A 134 -4.87 -20.62 1.30
N LEU A 135 -5.83 -21.49 1.59
CA LEU A 135 -5.54 -22.79 2.19
C LEU A 135 -5.05 -23.82 1.19
N TYR A 136 -4.85 -23.46 -0.08
CA TYR A 136 -4.73 -24.44 -1.15
C TYR A 136 -3.63 -25.46 -0.87
N CYS A 137 -2.42 -24.97 -0.57
CA CYS A 137 -1.28 -25.87 -0.36
C CYS A 137 -1.37 -26.62 0.96
N ASP A 138 -2.19 -26.15 1.90
CA ASP A 138 -2.51 -26.93 3.09
C ASP A 138 -3.38 -28.13 2.79
N LEU A 139 -4.04 -28.15 1.63
CA LEU A 139 -4.98 -29.23 1.31
C LEU A 139 -4.23 -30.52 1.03
N PRO A 140 -4.83 -31.66 1.36
CA PRO A 140 -4.17 -32.94 1.12
C PRO A 140 -4.07 -33.25 -0.37
N GLU A 141 -3.00 -33.94 -0.74
CA GLU A 141 -2.84 -34.38 -2.11
C GLU A 141 -3.58 -35.69 -2.34
N PRO A 142 -4.19 -35.88 -3.52
CA PRO A 142 -4.19 -34.93 -4.63
C PRO A 142 -5.21 -33.81 -4.42
N ARG A 143 -4.81 -32.58 -4.74
CA ARG A 143 -5.69 -31.42 -4.58
C ARG A 143 -6.70 -31.30 -5.70
N LYS A 144 -6.80 -32.32 -6.55
CA LYS A 144 -7.58 -32.30 -7.77
C LYS A 144 -8.39 -33.59 -7.80
N PRO A 145 -9.73 -33.55 -7.78
CA PRO A 145 -10.63 -32.38 -7.75
C PRO A 145 -10.61 -31.62 -6.43
N LEU A 146 -10.79 -30.30 -6.53
CA LEU A 146 -10.68 -29.41 -5.37
C LEU A 146 -11.69 -29.80 -4.29
N GLU A 147 -12.92 -30.14 -4.67
CA GLU A 147 -13.94 -30.49 -3.68
C GLU A 147 -13.51 -31.70 -2.85
N LYS A 148 -12.89 -32.69 -3.49
CA LYS A 148 -12.43 -33.86 -2.75
C LYS A 148 -11.33 -33.49 -1.77
N ALA A 149 -10.44 -32.58 -2.17
CA ALA A 149 -9.37 -32.16 -1.27
C ALA A 149 -9.92 -31.36 -0.09
N VAL A 150 -10.91 -30.51 -0.32
CA VAL A 150 -11.52 -29.76 0.77
C VAL A 150 -12.27 -30.71 1.70
N ALA A 151 -12.97 -31.69 1.12
CA ALA A 151 -13.71 -32.66 1.92
C ALA A 151 -12.80 -33.49 2.82
N ASN A 152 -11.52 -33.63 2.44
CA ASN A 152 -10.55 -34.35 3.25
C ASN A 152 -9.64 -33.40 4.04
N PHE A 153 -10.03 -32.14 4.16
CA PHE A 153 -9.33 -31.16 4.99
C PHE A 153 -10.16 -30.73 6.19
N PHE A 154 -11.36 -30.21 5.95
CA PHE A 154 -12.32 -30.02 7.04
C PHE A 154 -12.99 -31.35 7.33
N SER A 155 -13.23 -31.63 8.62
CA SER A 155 -13.88 -32.88 8.98
C SER A 155 -15.31 -32.92 8.45
N GLY A 156 -16.01 -31.79 8.48
CA GLY A 156 -17.32 -31.67 7.89
C GLY A 156 -17.60 -30.23 7.57
N SER A 157 -18.52 -30.01 6.64
CA SER A 157 -18.79 -28.64 6.21
C SER A 157 -20.25 -28.49 5.80
N CYS A 158 -20.66 -27.24 5.68
CA CYS A 158 -21.79 -26.85 4.85
C CYS A 158 -21.23 -26.03 3.70
N ALA A 159 -21.09 -26.66 2.53
CA ALA A 159 -20.62 -25.98 1.32
C ALA A 159 -21.77 -25.99 0.33
N PRO A 160 -22.67 -25.01 0.38
CA PRO A 160 -23.79 -24.99 -0.57
C PRO A 160 -23.30 -25.09 -2.00
N CYS A 161 -24.01 -25.88 -2.80
CA CYS A 161 -23.81 -26.15 -4.22
C CYS A 161 -22.68 -27.13 -4.46
N ALA A 162 -22.05 -27.68 -3.42
CA ALA A 162 -21.04 -28.69 -3.60
C ALA A 162 -21.68 -30.02 -4.00
N ASP A 163 -20.84 -30.93 -4.49
CA ASP A 163 -21.28 -32.23 -4.98
C ASP A 163 -21.30 -33.18 -3.78
N GLY A 164 -22.38 -33.09 -3.01
CA GLY A 164 -22.53 -33.93 -1.82
C GLY A 164 -22.67 -35.41 -2.11
N THR A 165 -23.13 -35.76 -3.31
CA THR A 165 -23.23 -37.18 -3.68
C THR A 165 -21.85 -37.83 -3.68
N ASP A 166 -20.86 -37.16 -4.27
CA ASP A 166 -19.52 -37.69 -4.35
C ASP A 166 -18.65 -37.35 -3.15
N PHE A 167 -18.95 -36.26 -2.44
CA PHE A 167 -18.16 -35.81 -1.29
C PHE A 167 -19.10 -35.39 -0.17
N PRO A 168 -19.73 -36.36 0.50
CA PRO A 168 -20.78 -36.01 1.47
C PRO A 168 -20.31 -35.22 2.68
N GLN A 169 -19.02 -35.28 3.03
CA GLN A 169 -18.53 -34.46 4.14
C GLN A 169 -18.84 -32.99 3.92
N LEU A 170 -18.84 -32.55 2.65
CA LEU A 170 -19.08 -31.15 2.33
C LEU A 170 -20.50 -30.70 2.66
N CYS A 171 -21.41 -31.64 2.99
CA CYS A 171 -22.79 -31.31 3.33
C CYS A 171 -23.20 -31.86 4.69
N GLN A 172 -22.25 -32.25 5.54
CA GLN A 172 -22.60 -32.78 6.85
C GLN A 172 -23.45 -31.80 7.64
N LEU A 173 -23.15 -30.51 7.52
CA LEU A 173 -23.87 -29.47 8.24
C LEU A 173 -25.09 -28.93 7.48
N CYS A 174 -25.25 -29.25 6.20
CA CYS A 174 -26.47 -28.93 5.47
C CYS A 174 -26.71 -30.03 4.44
N PRO A 175 -27.31 -31.14 4.87
CA PRO A 175 -27.49 -32.30 3.98
C PRO A 175 -28.11 -31.91 2.65
N GLY A 176 -27.48 -32.36 1.57
CA GLY A 176 -27.89 -32.01 0.23
C GLY A 176 -27.11 -30.86 -0.38
N CYS A 177 -26.46 -30.03 0.44
CA CYS A 177 -25.76 -28.83 -0.02
C CYS A 177 -26.67 -27.97 -0.91
N GLY A 178 -27.93 -27.81 -0.47
CA GLY A 178 -28.89 -27.03 -1.21
C GLY A 178 -28.36 -25.67 -1.62
N CYS A 179 -28.46 -25.37 -2.92
CA CYS A 179 -27.87 -24.17 -3.52
C CYS A 179 -28.85 -23.01 -3.62
N SER A 180 -29.77 -22.87 -2.66
CA SER A 180 -30.73 -21.78 -2.65
C SER A 180 -31.13 -21.47 -1.21
N THR A 181 -31.94 -20.43 -1.04
CA THR A 181 -32.35 -20.01 0.29
C THR A 181 -33.22 -21.04 1.01
N LEU A 182 -33.73 -22.04 0.29
CA LEU A 182 -34.38 -23.17 0.95
C LEU A 182 -33.45 -23.87 1.92
N ASN A 183 -32.14 -23.73 1.73
CA ASN A 183 -31.14 -24.20 2.66
C ASN A 183 -30.82 -23.06 3.63
N GLN A 184 -30.99 -23.31 4.93
CA GLN A 184 -30.86 -22.25 5.93
C GLN A 184 -29.42 -21.76 6.07
N TYR A 185 -28.43 -22.53 5.64
CA TYR A 185 -27.04 -22.15 5.75
C TYR A 185 -26.47 -21.65 4.42
N PHE A 186 -27.33 -21.32 3.47
CA PHE A 186 -26.91 -20.84 2.17
C PHE A 186 -26.74 -19.32 2.17
N GLY A 187 -25.81 -18.83 1.36
CA GLY A 187 -25.67 -17.41 1.21
C GLY A 187 -24.92 -16.78 2.38
N TYR A 188 -24.96 -15.45 2.43
CA TYR A 188 -24.08 -14.76 3.34
C TYR A 188 -24.54 -14.83 4.79
N SER A 189 -25.84 -14.66 5.04
CA SER A 189 -26.35 -14.87 6.40
C SER A 189 -26.42 -16.35 6.73
N GLY A 190 -26.75 -17.19 5.75
CA GLY A 190 -26.81 -18.62 6.00
C GLY A 190 -25.50 -19.18 6.53
N ALA A 191 -24.38 -18.76 5.93
CA ALA A 191 -23.09 -19.25 6.39
C ALA A 191 -22.79 -18.76 7.80
N PHE A 192 -23.16 -17.52 8.12
CA PHE A 192 -22.95 -17.03 9.48
C PHE A 192 -23.89 -17.71 10.47
N LYS A 193 -25.14 -17.95 10.07
CA LYS A 193 -26.04 -18.72 10.91
C LYS A 193 -25.49 -20.12 11.14
N CYS A 194 -24.80 -20.70 10.15
CA CYS A 194 -24.20 -22.01 10.36
C CYS A 194 -23.15 -21.96 11.47
N LEU A 195 -22.52 -20.79 11.66
CA LEU A 195 -21.59 -20.63 12.78
C LEU A 195 -22.32 -20.29 14.07
N LYS A 196 -23.31 -19.39 13.99
CA LYS A 196 -24.05 -18.99 15.18
C LYS A 196 -24.72 -20.18 15.86
N ASP A 197 -25.46 -20.98 15.09
CA ASP A 197 -26.20 -22.11 15.63
C ASP A 197 -25.29 -23.23 16.12
N GLY A 198 -23.97 -23.12 15.98
CA GLY A 198 -23.05 -24.12 16.47
C GLY A 198 -22.81 -25.27 15.52
N ALA A 199 -23.34 -25.22 14.30
CA ALA A 199 -23.07 -26.28 13.33
C ALA A 199 -21.58 -26.33 12.99
N GLY A 200 -20.98 -25.18 12.71
CA GLY A 200 -19.60 -25.11 12.29
C GLY A 200 -18.74 -24.33 13.27
N ASP A 201 -17.42 -24.47 13.09
CA ASP A 201 -16.44 -23.73 13.89
C ASP A 201 -16.02 -22.42 13.25
N VAL A 202 -16.19 -22.28 11.94
CA VAL A 202 -15.71 -21.10 11.22
C VAL A 202 -16.64 -20.84 10.05
N ALA A 203 -16.95 -19.57 9.82
CA ALA A 203 -17.76 -19.13 8.70
C ALA A 203 -16.93 -18.20 7.84
N PHE A 204 -16.85 -18.49 6.55
CA PHE A 204 -16.12 -17.67 5.60
C PHE A 204 -17.11 -16.73 4.92
N VAL A 205 -17.10 -15.47 5.32
CA VAL A 205 -18.13 -14.51 4.92
C VAL A 205 -17.51 -13.14 4.68
N LYS A 206 -18.35 -12.16 4.37
CA LYS A 206 -17.92 -10.79 4.24
C LYS A 206 -17.93 -10.09 5.60
N HIS A 207 -17.07 -9.08 5.73
CA HIS A 207 -16.91 -8.40 7.01
C HIS A 207 -18.22 -7.82 7.54
N SER A 208 -19.17 -7.53 6.67
CA SER A 208 -20.41 -6.88 7.07
C SER A 208 -21.49 -7.85 7.51
N THR A 209 -21.34 -9.14 7.20
CA THR A 209 -22.36 -10.12 7.58
C THR A 209 -22.63 -10.10 9.07
N ILE A 210 -21.56 -10.03 9.87
CA ILE A 210 -21.70 -10.08 11.33
C ILE A 210 -22.55 -8.92 11.82
N PHE A 211 -22.33 -7.73 11.27
CA PHE A 211 -23.06 -6.56 11.72
C PHE A 211 -24.49 -6.51 11.23
N GLU A 212 -24.81 -7.24 10.16
CA GLU A 212 -26.17 -7.26 9.65
C GLU A 212 -27.03 -8.35 10.28
N ASN A 213 -26.42 -9.31 10.97
CA ASN A 213 -27.15 -10.40 11.61
C ASN A 213 -27.10 -10.35 13.13
N LEU A 214 -26.32 -9.43 13.71
CA LEU A 214 -26.21 -9.29 15.16
C LEU A 214 -26.22 -7.81 15.48
N ALA A 215 -27.39 -7.30 15.90
CA ALA A 215 -27.58 -5.86 16.00
C ALA A 215 -26.81 -5.27 17.17
N ASN A 216 -26.72 -5.99 18.28
CA ASN A 216 -26.16 -5.45 19.52
C ASN A 216 -24.77 -6.02 19.77
N LYS A 217 -23.85 -5.12 20.15
CA LYS A 217 -22.42 -5.45 20.21
C LYS A 217 -22.13 -6.57 21.21
N ALA A 218 -22.94 -6.69 22.27
CA ALA A 218 -22.72 -7.73 23.26
C ALA A 218 -22.69 -9.11 22.63
N ASP A 219 -23.63 -9.38 21.72
CA ASP A 219 -23.59 -10.65 20.98
C ASP A 219 -22.34 -10.74 20.11
N ARG A 220 -21.95 -9.63 19.48
CA ARG A 220 -20.79 -9.64 18.59
C ARG A 220 -19.50 -9.92 19.35
N ASP A 221 -19.45 -9.57 20.64
CA ASP A 221 -18.25 -9.81 21.43
C ASP A 221 -17.99 -11.29 21.68
N GLN A 222 -18.97 -12.15 21.41
CA GLN A 222 -18.77 -13.59 21.49
C GLN A 222 -18.12 -14.16 20.23
N TYR A 223 -17.72 -13.31 19.29
CA TYR A 223 -17.15 -13.74 18.02
C TYR A 223 -15.82 -13.03 17.79
N GLU A 224 -14.96 -13.68 17.01
CA GLU A 224 -13.67 -13.11 16.65
C GLU A 224 -13.38 -13.43 15.18
N LEU A 225 -12.25 -12.93 14.70
CA LEU A 225 -11.79 -13.17 13.34
C LEU A 225 -10.44 -13.86 13.39
N LEU A 226 -10.19 -14.70 12.38
CA LEU A 226 -8.89 -15.34 12.21
C LEU A 226 -8.02 -14.47 11.32
N CYS A 227 -6.90 -14.01 11.87
CA CYS A 227 -5.93 -13.25 11.09
C CYS A 227 -4.93 -14.19 10.44
N LEU A 228 -4.37 -13.74 9.32
CA LEU A 228 -3.42 -14.57 8.58
C LEU A 228 -2.10 -14.72 9.31
N ASP A 229 -1.83 -13.89 10.32
CA ASP A 229 -0.64 -14.05 11.15
C ASP A 229 -0.86 -15.03 12.30
N ASN A 230 -1.99 -15.76 12.27
CA ASN A 230 -2.31 -16.79 13.26
C ASN A 230 -2.58 -16.20 14.64
N THR A 231 -3.16 -15.01 14.67
CA THR A 231 -3.76 -14.41 15.85
C THR A 231 -5.23 -14.14 15.58
N ARG A 232 -5.95 -13.76 16.61
CA ARG A 232 -7.35 -13.40 16.49
C ARG A 232 -7.55 -11.94 16.89
N LYS A 233 -8.61 -11.33 16.36
CA LYS A 233 -8.97 -9.95 16.66
C LYS A 233 -10.47 -9.85 16.73
N PRO A 234 -11.00 -8.82 17.40
CA PRO A 234 -12.45 -8.61 17.44
C PRO A 234 -13.02 -8.38 16.05
N VAL A 235 -14.34 -8.57 15.93
CA VAL A 235 -14.95 -8.59 14.61
C VAL A 235 -14.99 -7.22 13.95
N ASP A 236 -14.90 -6.14 14.71
CA ASP A 236 -14.88 -4.81 14.11
C ASP A 236 -13.46 -4.34 13.77
N GLU A 237 -12.46 -5.20 13.93
CA GLU A 237 -11.09 -4.95 13.48
C GLU A 237 -10.78 -5.71 12.20
N TYR A 238 -11.77 -5.86 11.32
CA TYR A 238 -11.60 -6.64 10.09
C TYR A 238 -10.56 -6.02 9.16
N LYS A 239 -10.32 -4.70 9.26
CA LYS A 239 -9.33 -4.07 8.41
C LYS A 239 -7.92 -4.49 8.75
N ASP A 240 -7.67 -4.93 9.99
CA ASP A 240 -6.37 -5.44 10.40
C ASP A 240 -6.38 -6.97 10.55
N CYS A 241 -7.44 -7.63 10.09
CA CYS A 241 -7.61 -9.07 10.33
C CYS A 241 -8.64 -9.64 9.36
N HIS A 242 -8.26 -9.81 8.11
CA HIS A 242 -9.16 -10.37 7.10
C HIS A 242 -8.37 -11.31 6.20
N LEU A 243 -9.10 -12.10 5.41
CA LEU A 243 -8.43 -12.99 4.47
C LEU A 243 -8.04 -12.27 3.19
N ALA A 244 -8.80 -11.26 2.79
CA ALA A 244 -8.50 -10.50 1.59
C ALA A 244 -9.37 -9.25 1.54
N GLN A 245 -8.85 -8.21 0.89
CA GLN A 245 -9.61 -7.02 0.57
C GLN A 245 -9.93 -7.03 -0.92
N VAL A 246 -11.20 -6.91 -1.25
CA VAL A 246 -11.72 -7.20 -2.59
C VAL A 246 -12.44 -5.98 -3.10
N PRO A 247 -12.07 -5.43 -4.26
CA PRO A 247 -12.86 -4.35 -4.85
C PRO A 247 -14.10 -4.88 -5.55
N SER A 248 -15.21 -4.16 -5.36
CA SER A 248 -16.51 -4.67 -5.77
C SER A 248 -16.69 -4.61 -7.29
N HIS A 249 -16.39 -3.46 -7.91
CA HIS A 249 -16.61 -3.30 -9.34
C HIS A 249 -15.66 -2.24 -9.87
N THR A 250 -14.79 -2.63 -10.80
CA THR A 250 -13.65 -1.81 -11.23
C THR A 250 -13.68 -1.62 -12.74
N VAL A 251 -13.60 -0.37 -13.18
CA VAL A 251 -13.38 -0.07 -14.60
C VAL A 251 -11.89 -0.27 -14.91
N VAL A 252 -11.60 -1.05 -15.95
CA VAL A 252 -10.22 -1.32 -16.32
C VAL A 252 -9.95 -0.73 -17.70
N ALA A 253 -8.66 -0.49 -17.95
CA ALA A 253 -8.20 0.10 -19.20
C ALA A 253 -6.80 -0.41 -19.49
N ARG A 254 -6.34 -0.19 -20.72
CA ARG A 254 -4.97 -0.52 -21.07
C ARG A 254 -3.99 0.21 -20.16
N SER A 255 -2.93 -0.49 -19.76
CA SER A 255 -1.91 0.12 -18.90
C SER A 255 -1.19 1.25 -19.62
N MET A 256 -0.95 1.09 -20.92
CA MET A 256 -0.38 2.13 -21.77
C MET A 256 -1.31 2.35 -22.95
N GLY A 257 -1.54 3.62 -23.30
CA GLY A 257 -2.53 3.92 -24.31
C GLY A 257 -3.94 4.11 -23.79
N GLY A 258 -4.15 3.96 -22.48
CA GLY A 258 -5.32 4.44 -21.78
C GLY A 258 -6.69 3.96 -22.17
N LYS A 259 -7.62 4.91 -22.35
CA LYS A 259 -7.31 6.33 -22.14
C LYS A 259 -7.86 6.81 -20.79
N GLU A 260 -7.09 6.55 -19.72
CA GLU A 260 -7.57 6.75 -18.36
C GLU A 260 -8.18 8.14 -18.17
N ASP A 261 -7.42 9.17 -18.54
CA ASP A 261 -7.90 10.55 -18.52
C ASP A 261 -9.32 10.68 -19.07
N LEU A 262 -9.52 10.18 -20.29
CA LEU A 262 -10.80 10.32 -20.97
C LEU A 262 -11.89 9.51 -20.28
N ILE A 263 -11.56 8.29 -19.85
CA ILE A 263 -12.54 7.44 -19.19
C ILE A 263 -13.08 8.11 -17.94
N TRP A 264 -12.19 8.72 -17.15
CA TRP A 264 -12.64 9.32 -15.89
C TRP A 264 -13.48 10.57 -16.13
N GLU A 265 -13.08 11.42 -17.09
CA GLU A 265 -13.88 12.63 -17.31
C GLU A 265 -15.20 12.30 -17.98
N LEU A 266 -15.26 11.20 -18.76
CA LEU A 266 -16.55 10.72 -19.25
C LEU A 266 -17.44 10.27 -18.10
N LEU A 267 -16.93 9.37 -17.25
CA LEU A 267 -17.75 8.80 -16.19
C LEU A 267 -18.08 9.83 -15.12
N ASN A 268 -17.12 10.70 -14.80
CA ASN A 268 -17.37 11.72 -13.78
C ASN A 268 -18.43 12.71 -14.23
N GLN A 269 -18.40 13.10 -15.51
CA GLN A 269 -19.47 13.92 -16.05
C GLN A 269 -20.79 13.15 -16.06
N ALA A 270 -20.73 11.86 -16.41
CA ALA A 270 -21.95 11.06 -16.48
C ALA A 270 -22.64 10.99 -15.13
N GLN A 271 -21.88 10.84 -14.04
CA GLN A 271 -22.50 10.74 -12.73
C GLN A 271 -23.05 12.08 -12.26
N GLU A 272 -22.40 13.19 -12.65
CA GLU A 272 -22.87 14.50 -12.24
C GLU A 272 -24.20 14.87 -12.90
N HIS A 273 -24.52 14.27 -14.05
CA HIS A 273 -25.76 14.55 -14.74
C HIS A 273 -26.76 13.42 -14.71
N PHE A 274 -26.30 12.17 -14.62
CA PHE A 274 -27.19 11.01 -14.71
C PHE A 274 -27.01 10.02 -13.56
N GLY A 275 -26.29 10.40 -12.52
CA GLY A 275 -26.05 9.50 -11.39
C GLY A 275 -27.23 9.40 -10.46
N LYS A 276 -26.96 8.87 -9.27
CA LYS A 276 -28.00 8.69 -8.27
C LYS A 276 -28.63 10.03 -7.91
N ASP A 277 -29.96 10.01 -7.74
CA ASP A 277 -30.76 11.17 -7.35
C ASP A 277 -30.77 12.28 -8.39
N LYS A 278 -30.36 12.00 -9.63
CA LYS A 278 -30.38 13.03 -10.67
C LYS A 278 -31.70 13.07 -11.44
N SER A 279 -32.47 11.98 -11.42
CA SER A 279 -33.90 12.00 -11.77
C SER A 279 -34.15 12.39 -13.23
N LYS A 280 -33.19 12.14 -14.12
CA LYS A 280 -33.42 12.39 -15.52
C LYS A 280 -34.07 11.15 -16.16
N GLU A 281 -34.41 11.24 -17.45
CA GLU A 281 -34.99 10.09 -18.11
C GLU A 281 -33.98 8.97 -18.29
N PHE A 282 -32.70 9.31 -18.41
CA PHE A 282 -31.64 8.32 -18.41
C PHE A 282 -30.98 8.28 -17.05
N GLN A 283 -30.71 7.06 -16.57
CA GLN A 283 -30.10 6.85 -15.26
C GLN A 283 -28.95 5.87 -15.40
N LEU A 284 -27.75 6.31 -15.02
CA LEU A 284 -26.55 5.51 -15.21
C LEU A 284 -26.59 4.20 -14.43
N PHE A 285 -27.14 4.22 -13.23
CA PHE A 285 -27.07 3.08 -12.32
C PHE A 285 -28.40 2.33 -12.22
N SER A 286 -29.15 2.33 -13.33
CA SER A 286 -30.40 1.60 -13.44
C SER A 286 -30.56 1.21 -14.91
N SER A 287 -31.57 0.38 -15.17
CA SER A 287 -32.05 0.20 -16.55
C SER A 287 -33.34 -0.59 -16.56
N PRO A 288 -34.31 -0.19 -17.37
CA PRO A 288 -35.63 -0.86 -17.36
C PRO A 288 -35.59 -2.35 -17.61
N HIS A 289 -34.66 -2.84 -18.45
CA HIS A 289 -34.62 -4.24 -18.86
C HIS A 289 -33.30 -4.85 -18.41
N GLY A 290 -33.35 -5.69 -17.38
CA GLY A 290 -32.17 -6.37 -16.90
C GLY A 290 -31.47 -5.64 -15.76
N LYS A 291 -30.69 -6.40 -15.01
CA LYS A 291 -30.04 -5.91 -13.80
C LYS A 291 -28.54 -5.75 -14.04
N ASP A 292 -27.97 -4.67 -13.47
CA ASP A 292 -26.53 -4.47 -13.39
C ASP A 292 -25.87 -4.28 -14.76
N LEU A 293 -26.53 -3.55 -15.66
CA LEU A 293 -25.99 -3.34 -16.99
C LEU A 293 -24.89 -2.28 -16.94
N LEU A 294 -23.68 -2.67 -17.39
CA LEU A 294 -22.49 -1.83 -17.44
C LEU A 294 -21.94 -1.53 -16.05
N PHE A 295 -22.82 -1.16 -15.13
CA PHE A 295 -22.45 -0.85 -13.75
C PHE A 295 -23.45 -1.53 -12.84
N LYS A 296 -23.08 -1.66 -11.57
CA LYS A 296 -23.98 -2.29 -10.61
C LYS A 296 -25.10 -1.32 -10.25
N ASP A 297 -26.32 -1.85 -10.22
CA ASP A 297 -27.49 -1.01 -9.95
C ASP A 297 -27.41 -0.35 -8.58
N SER A 298 -26.68 -0.96 -7.64
CA SER A 298 -26.53 -0.42 -6.30
C SER A 298 -25.44 0.64 -6.20
N ALA A 299 -24.69 0.88 -7.27
CA ALA A 299 -23.61 1.85 -7.22
C ALA A 299 -24.15 3.26 -6.97
N HIS A 300 -23.39 4.04 -6.21
CA HIS A 300 -23.75 5.43 -5.94
C HIS A 300 -22.85 6.43 -6.65
N GLY A 301 -21.80 5.98 -7.33
CA GLY A 301 -20.95 6.89 -8.07
C GLY A 301 -19.60 6.26 -8.35
N PHE A 302 -18.69 7.10 -8.84
CA PHE A 302 -17.37 6.67 -9.28
C PHE A 302 -16.29 7.42 -8.52
N LEU A 303 -15.23 6.70 -8.16
CA LEU A 303 -14.01 7.30 -7.62
C LEU A 303 -12.87 7.02 -8.60
N LYS A 304 -12.04 8.03 -8.82
CA LYS A 304 -10.86 7.84 -9.66
C LYS A 304 -9.84 6.99 -8.92
N VAL A 305 -9.37 5.94 -9.57
CA VAL A 305 -8.31 5.11 -8.99
C VAL A 305 -6.99 5.88 -9.08
N PRO A 306 -6.24 6.02 -7.99
CA PRO A 306 -4.98 6.76 -8.02
C PRO A 306 -4.04 6.19 -9.07
N PRO A 307 -3.30 7.05 -9.78
CA PRO A 307 -2.56 6.57 -10.96
C PRO A 307 -1.37 5.68 -10.64
N ARG A 308 -0.85 5.70 -9.42
CA ARG A 308 0.27 4.82 -9.09
C ARG A 308 -0.12 3.36 -9.11
N MET A 309 -1.40 3.06 -8.97
CA MET A 309 -1.81 1.70 -8.64
C MET A 309 -1.95 0.82 -9.87
N ASP A 310 -1.34 -0.36 -9.81
CA ASP A 310 -1.55 -1.43 -10.77
C ASP A 310 -2.51 -2.45 -10.16
N ALA A 311 -2.77 -3.53 -10.92
CA ALA A 311 -3.83 -4.46 -10.51
C ALA A 311 -3.43 -5.26 -9.28
N LYS A 312 -2.17 -5.69 -9.19
CA LYS A 312 -1.73 -6.46 -8.03
C LYS A 312 -1.86 -5.63 -6.76
N MET A 313 -1.45 -4.36 -6.83
CA MET A 313 -1.60 -3.47 -5.69
C MET A 313 -3.07 -3.18 -5.39
N TYR A 314 -3.90 -3.08 -6.43
CA TYR A 314 -5.32 -2.81 -6.22
C TYR A 314 -6.03 -4.00 -5.59
N LEU A 315 -5.78 -5.21 -6.12
CA LEU A 315 -6.39 -6.40 -5.55
C LEU A 315 -5.82 -6.73 -4.18
N GLY A 316 -4.55 -6.44 -3.96
CA GLY A 316 -3.93 -6.75 -2.70
C GLY A 316 -3.16 -8.05 -2.73
N TYR A 317 -2.16 -8.15 -1.86
CA TYR A 317 -1.28 -9.32 -1.85
C TYR A 317 -2.04 -10.59 -1.49
N GLU A 318 -2.93 -10.51 -0.50
CA GLU A 318 -3.68 -11.68 -0.06
C GLU A 318 -4.56 -12.23 -1.18
N TYR A 319 -5.37 -11.36 -1.79
CA TYR A 319 -6.26 -11.81 -2.86
C TYR A 319 -5.48 -12.44 -3.99
N VAL A 320 -4.37 -11.82 -4.40
CA VAL A 320 -3.61 -12.31 -5.54
C VAL A 320 -3.04 -13.70 -5.24
N THR A 321 -2.56 -13.91 -4.01
CA THR A 321 -2.07 -15.24 -3.63
C THR A 321 -3.18 -16.28 -3.76
N ALA A 322 -4.37 -15.96 -3.26
CA ALA A 322 -5.46 -16.93 -3.26
C ALA A 322 -5.86 -17.33 -4.67
N ILE A 323 -6.07 -16.35 -5.56
CA ILE A 323 -6.55 -16.66 -6.90
C ILE A 323 -5.46 -17.33 -7.72
N ARG A 324 -4.20 -16.92 -7.52
CA ARG A 324 -3.11 -17.56 -8.25
C ARG A 324 -2.96 -19.02 -7.82
N ASN A 325 -3.21 -19.32 -6.55
CA ASN A 325 -3.19 -20.70 -6.10
C ASN A 325 -4.28 -21.52 -6.79
N LEU A 326 -5.48 -20.96 -6.93
CA LEU A 326 -6.55 -21.68 -7.61
C LEU A 326 -6.28 -21.81 -9.10
N ARG A 327 -5.86 -20.72 -9.75
CA ARG A 327 -5.58 -20.77 -11.18
C ARG A 327 -4.45 -21.75 -11.48
N GLU A 328 -3.31 -21.59 -10.81
CA GLU A 328 -2.11 -22.34 -11.16
C GLU A 328 -1.99 -23.67 -10.43
N GLY A 329 -2.44 -23.75 -9.18
CA GLY A 329 -2.34 -24.99 -8.43
C GLY A 329 -0.93 -25.46 -8.19
N THR A 330 -0.03 -24.55 -7.83
CA THR A 330 1.40 -24.83 -7.69
C THR A 330 1.81 -24.65 -6.22
N CYS A 331 2.51 -25.66 -5.68
CA CYS A 331 2.82 -25.70 -4.26
C CYS A 331 4.21 -26.31 -4.12
N PRO A 332 5.13 -25.71 -3.33
CA PRO A 332 6.51 -26.20 -3.17
C PRO A 332 6.61 -27.62 -2.63
N CYS A 339 12.57 -21.94 3.61
CA CYS A 339 12.14 -20.56 3.83
C CYS A 339 12.26 -19.75 2.56
N LYS A 340 13.16 -20.21 1.70
CA LYS A 340 13.46 -19.66 0.39
C LYS A 340 14.29 -18.39 0.53
N PRO A 341 14.95 -17.96 -0.54
CA PRO A 341 15.91 -16.85 -0.40
C PRO A 341 15.21 -15.51 -0.27
N VAL A 342 15.87 -14.62 0.46
CA VAL A 342 15.36 -13.26 0.67
C VAL A 342 15.79 -12.41 -0.51
N LYS A 343 14.81 -11.86 -1.22
CA LYS A 343 15.08 -11.07 -2.42
C LYS A 343 15.14 -9.60 -2.02
N TRP A 344 16.36 -9.09 -1.89
CA TRP A 344 16.58 -7.69 -1.55
C TRP A 344 16.30 -6.80 -2.76
N CYS A 345 15.82 -5.59 -2.52
CA CYS A 345 15.51 -4.63 -3.56
C CYS A 345 16.51 -3.48 -3.51
N ALA A 346 17.17 -3.22 -4.63
CA ALA A 346 18.20 -2.20 -4.73
C ALA A 346 17.71 -1.02 -5.55
N LEU A 347 18.31 0.15 -5.29
CA LEU A 347 17.88 1.40 -5.90
C LEU A 347 18.86 1.96 -6.91
N SER A 348 20.07 1.41 -7.03
CA SER A 348 21.08 1.97 -7.90
C SER A 348 21.77 0.84 -8.66
N HIS A 349 22.51 1.23 -9.69
CA HIS A 349 23.50 0.32 -10.26
C HIS A 349 24.58 0.00 -9.23
N HIS A 350 25.02 1.03 -8.49
CA HIS A 350 26.02 0.82 -7.44
C HIS A 350 25.43 0.08 -6.25
N GLU A 351 24.16 0.33 -5.93
CA GLU A 351 23.51 -0.42 -4.87
C GLU A 351 23.23 -1.86 -5.30
N ARG A 352 22.84 -2.05 -6.57
CA ARG A 352 22.62 -3.40 -7.07
C ARG A 352 23.92 -4.20 -7.08
N LEU A 353 25.03 -3.55 -7.39
CA LEU A 353 26.31 -4.26 -7.42
C LEU A 353 26.69 -4.77 -6.04
N LYS A 354 26.49 -3.94 -5.01
CA LYS A 354 26.77 -4.40 -3.64
C LYS A 354 25.92 -5.61 -3.30
N CYS A 355 24.62 -5.56 -3.60
CA CYS A 355 23.74 -6.69 -3.35
C CYS A 355 24.21 -7.93 -4.12
N ASP A 356 24.67 -7.73 -5.36
CA ASP A 356 25.03 -8.86 -6.21
C ASP A 356 26.17 -9.67 -5.57
N GLU A 357 27.24 -9.00 -5.16
CA GLU A 357 28.34 -9.72 -4.52
C GLU A 357 27.94 -10.19 -3.13
N TRP A 358 26.98 -9.52 -2.49
CA TRP A 358 26.43 -10.04 -1.24
C TRP A 358 25.67 -11.33 -1.48
N SER A 359 24.85 -11.37 -2.55
CA SER A 359 24.11 -12.59 -2.88
C SER A 359 25.05 -13.75 -3.16
N VAL A 360 26.15 -13.49 -3.89
CA VAL A 360 27.03 -14.58 -4.28
C VAL A 360 27.82 -15.12 -3.09
N ASN A 361 28.10 -14.27 -2.10
CA ASN A 361 28.76 -14.75 -0.88
C ASN A 361 27.77 -15.41 0.09
N SER A 362 26.53 -14.95 0.10
CA SER A 362 25.52 -15.59 0.94
C SER A 362 25.14 -16.98 0.46
N VAL A 363 25.75 -17.45 -0.62
CA VAL A 363 25.51 -18.78 -1.17
C VAL A 363 24.02 -19.00 -1.40
N GLY A 364 23.37 -18.06 -2.08
CA GLY A 364 21.99 -18.21 -2.48
C GLY A 364 20.97 -17.71 -1.48
N LYS A 365 21.32 -17.61 -0.21
CA LYS A 365 20.36 -17.15 0.81
C LYS A 365 19.89 -15.71 0.57
N ILE A 366 20.55 -14.99 -0.32
CA ILE A 366 20.17 -13.62 -0.67
C ILE A 366 20.08 -13.52 -2.17
N GLU A 367 19.01 -12.90 -2.68
CA GLU A 367 18.87 -12.59 -4.09
C GLU A 367 18.55 -11.12 -4.25
N CYS A 368 18.72 -10.62 -5.46
CA CYS A 368 18.66 -9.18 -5.71
C CYS A 368 17.67 -8.87 -6.82
N VAL A 369 16.82 -7.88 -6.57
CA VAL A 369 15.93 -7.30 -7.57
C VAL A 369 16.15 -5.78 -7.51
N SER A 370 15.86 -5.10 -8.61
CA SER A 370 16.18 -3.69 -8.73
C SER A 370 14.94 -2.86 -9.06
N ALA A 371 14.97 -1.59 -8.68
CA ALA A 371 13.91 -0.65 -9.00
C ALA A 371 14.49 0.75 -8.98
N GLU A 372 13.79 1.67 -9.65
CA GLU A 372 14.34 3.01 -9.90
C GLU A 372 14.20 3.93 -8.70
N THR A 373 13.13 3.80 -7.92
CA THR A 373 12.91 4.63 -6.75
C THR A 373 12.60 3.77 -5.54
N THR A 374 12.63 4.40 -4.36
CA THR A 374 12.26 3.70 -3.14
C THR A 374 10.81 3.23 -3.19
N GLU A 375 9.91 4.05 -3.73
CA GLU A 375 8.51 3.69 -3.80
C GLU A 375 8.30 2.47 -4.70
N ASP A 376 9.03 2.39 -5.81
CA ASP A 376 8.92 1.22 -6.69
C ASP A 376 9.32 -0.05 -5.98
N CYS A 377 10.40 0.00 -5.20
CA CYS A 377 10.84 -1.15 -4.43
C CYS A 377 9.81 -1.54 -3.37
N ILE A 378 9.23 -0.53 -2.69
CA ILE A 378 8.19 -0.80 -1.70
C ILE A 378 7.02 -1.52 -2.35
N ALA A 379 6.61 -1.08 -3.55
CA ALA A 379 5.54 -1.76 -4.27
C ALA A 379 5.92 -3.19 -4.61
N LYS A 380 7.22 -3.45 -4.84
CA LYS A 380 7.67 -4.80 -5.13
C LYS A 380 7.67 -5.67 -3.88
N ILE A 381 7.96 -5.09 -2.72
CA ILE A 381 7.83 -5.82 -1.47
C ILE A 381 6.36 -6.12 -1.18
N MET A 382 5.47 -5.18 -1.53
CA MET A 382 4.06 -5.36 -1.27
C MET A 382 3.50 -6.54 -2.06
N ASN A 383 3.84 -6.65 -3.35
CA ASN A 383 3.24 -7.64 -4.22
C ASN A 383 4.04 -8.93 -4.32
N GLY A 384 5.19 -9.02 -3.68
CA GLY A 384 5.96 -10.25 -3.65
C GLY A 384 7.11 -10.31 -4.63
N GLU A 385 7.29 -9.30 -5.48
CA GLU A 385 8.45 -9.30 -6.36
C GLU A 385 9.75 -9.11 -5.59
N ALA A 386 9.69 -8.44 -4.44
CA ALA A 386 10.83 -8.26 -3.55
C ALA A 386 10.40 -8.61 -2.14
N ASP A 387 11.39 -8.72 -1.25
CA ASP A 387 11.13 -9.16 0.11
C ASP A 387 11.51 -8.15 1.17
N ALA A 388 12.67 -7.50 1.05
CA ALA A 388 13.11 -6.61 2.11
C ALA A 388 13.98 -5.50 1.54
N MET A 389 14.04 -4.41 2.30
CA MET A 389 14.93 -3.27 2.08
C MET A 389 14.99 -2.50 3.38
N SER A 390 16.01 -1.64 3.51
CA SER A 390 16.17 -0.82 4.69
C SER A 390 15.75 0.60 4.36
N LEU A 391 14.94 1.20 5.23
CA LEU A 391 14.26 2.45 4.94
C LEU A 391 14.48 3.46 6.06
N ASP A 392 14.67 4.72 5.68
CA ASP A 392 14.52 5.82 6.62
C ASP A 392 13.11 5.78 7.22
N GLY A 393 12.99 6.24 8.46
CA GLY A 393 11.70 6.17 9.15
C GLY A 393 10.56 6.79 8.38
N GLY A 394 10.84 7.85 7.61
CA GLY A 394 9.82 8.46 6.78
C GLY A 394 9.28 7.52 5.73
N PHE A 395 10.12 6.62 5.20
CA PHE A 395 9.64 5.61 4.28
C PHE A 395 9.05 4.41 5.01
N VAL A 396 9.47 4.18 6.26
CA VAL A 396 8.82 3.16 7.07
C VAL A 396 7.36 3.51 7.30
N TYR A 397 7.07 4.79 7.55
CA TYR A 397 5.68 5.24 7.64
C TYR A 397 4.91 4.90 6.37
N ILE A 398 5.49 5.23 5.22
CA ILE A 398 4.83 4.92 3.95
C ILE A 398 4.70 3.41 3.77
N ALA A 399 5.78 2.66 4.06
CA ALA A 399 5.73 1.22 3.95
C ALA A 399 4.67 0.64 4.90
N GLY A 400 4.57 1.20 6.10
CA GLY A 400 3.57 0.72 7.05
C GLY A 400 2.16 0.94 6.55
N LYS A 401 1.84 2.17 6.13
CA LYS A 401 0.52 2.49 5.60
C LYS A 401 0.16 1.61 4.41
N CYS A 402 1.18 1.06 3.74
CA CYS A 402 1.01 0.16 2.61
C CYS A 402 1.02 -1.31 3.03
N GLY A 403 0.95 -1.59 4.33
CA GLY A 403 0.83 -2.94 4.84
C GLY A 403 2.11 -3.63 5.27
N LEU A 404 3.26 -2.98 5.14
CA LEU A 404 4.53 -3.61 5.48
C LEU A 404 4.87 -3.38 6.95
N VAL A 405 5.72 -4.25 7.49
CA VAL A 405 6.10 -4.18 8.89
C VAL A 405 7.61 -4.04 9.02
N PRO A 406 8.11 -3.33 10.03
CA PRO A 406 9.56 -3.31 10.30
C PRO A 406 9.97 -4.57 11.06
N VAL A 407 11.14 -5.11 10.72
CA VAL A 407 11.64 -6.36 11.27
C VAL A 407 12.94 -6.18 12.05
N LEU A 408 13.87 -5.41 11.51
CA LEU A 408 15.09 -5.10 12.24
C LEU A 408 15.47 -3.64 12.02
N ALA A 409 16.20 -3.08 12.97
CA ALA A 409 16.61 -1.68 12.92
C ALA A 409 18.12 -1.57 12.77
N GLU A 410 18.56 -0.64 11.94
CA GLU A 410 19.97 -0.28 11.90
C GLU A 410 20.34 0.43 13.18
N ASN A 411 21.40 -0.01 13.83
CA ASN A 411 21.86 0.61 15.07
C ASN A 411 23.18 1.33 14.81
N TYR A 412 23.22 2.63 15.13
CA TYR A 412 24.40 3.45 14.91
C TYR A 412 25.39 3.39 16.06
N ASN A 413 24.92 3.10 17.27
CA ASN A 413 25.79 3.10 18.44
C ASN A 413 26.05 1.69 18.95
N ALA A 424 16.28 3.80 20.97
CA ALA A 424 17.13 4.98 21.01
C ALA A 424 17.95 5.09 19.73
N GLY A 425 17.65 6.10 18.90
CA GLY A 425 18.32 6.28 17.63
C GLY A 425 18.98 7.64 17.46
N TYR A 426 19.21 8.05 16.22
CA TYR A 426 20.04 9.22 15.96
C TYR A 426 19.29 10.51 16.28
N PHE A 427 20.05 11.61 16.30
CA PHE A 427 19.57 12.91 16.75
C PHE A 427 19.32 13.81 15.56
N ALA A 428 18.12 14.39 15.49
CA ALA A 428 17.80 15.39 14.47
C ALA A 428 18.12 16.77 15.02
N VAL A 429 19.03 17.48 14.34
CA VAL A 429 19.48 18.80 14.78
C VAL A 429 19.39 19.78 13.62
N ALA A 430 19.39 21.07 13.98
CA ALA A 430 19.34 22.17 13.01
C ALA A 430 20.68 22.88 13.03
N VAL A 431 21.36 22.90 11.89
CA VAL A 431 22.71 23.46 11.78
C VAL A 431 22.61 24.87 11.19
N VAL A 432 23.41 25.78 11.76
CA VAL A 432 23.56 27.14 11.25
C VAL A 432 25.03 27.50 11.29
N LYS A 433 25.39 28.57 10.56
CA LYS A 433 26.76 29.07 10.59
C LYS A 433 26.98 29.90 11.85
N LYS A 434 28.13 29.68 12.50
CA LYS A 434 28.43 30.37 13.76
C LYS A 434 28.38 31.88 13.59
N SER A 435 28.86 32.38 12.45
CA SER A 435 28.87 33.82 12.22
C SER A 435 27.47 34.42 12.19
N ALA A 436 26.45 33.63 11.86
CA ALA A 436 25.07 34.09 11.88
C ALA A 436 24.58 34.07 13.32
N SER A 437 24.95 35.14 14.05
CA SER A 437 24.61 35.22 15.47
C SER A 437 23.11 35.39 15.69
N ASP A 438 22.40 35.94 14.69
CA ASP A 438 21.00 36.29 14.88
C ASP A 438 20.08 35.07 14.83
N LEU A 439 20.45 34.02 14.11
CA LEU A 439 19.55 32.91 13.86
C LEU A 439 19.21 32.18 15.16
N THR A 440 17.91 31.93 15.36
CA THR A 440 17.41 31.18 16.51
C THR A 440 16.27 30.29 16.07
N TRP A 441 16.04 29.21 16.81
CA TRP A 441 14.94 28.30 16.51
C TRP A 441 13.59 28.97 16.68
N ASP A 442 13.49 30.00 17.51
CA ASP A 442 12.19 30.61 17.79
C ASP A 442 11.59 31.24 16.54
N ASN A 443 12.42 31.85 15.70
CA ASN A 443 11.90 32.32 14.41
C ASN A 443 12.99 32.23 13.36
N LEU A 444 12.78 31.32 12.40
CA LEU A 444 13.54 31.25 11.17
C LEU A 444 12.71 31.66 9.96
N LYS A 445 11.60 32.36 10.19
CA LYS A 445 10.75 32.79 9.09
C LYS A 445 11.53 33.69 8.14
N GLY A 446 11.34 33.47 6.85
CA GLY A 446 12.05 34.25 5.86
C GLY A 446 13.49 33.85 5.63
N LYS A 447 13.96 32.77 6.28
CA LYS A 447 15.32 32.29 6.09
C LYS A 447 15.35 31.21 5.01
N LYS A 448 16.57 30.80 4.65
CA LYS A 448 16.79 29.83 3.60
C LYS A 448 17.10 28.47 4.22
N SER A 449 16.30 27.48 3.87
CA SER A 449 16.34 26.17 4.50
C SER A 449 16.98 25.13 3.59
N CYS A 450 17.65 24.16 4.19
CA CYS A 450 18.24 23.04 3.48
C CYS A 450 17.80 21.76 4.14
N HIS A 451 17.08 20.92 3.40
CA HIS A 451 16.55 19.66 3.90
C HIS A 451 17.15 18.49 3.12
N THR A 452 17.32 17.36 3.81
CA THR A 452 17.78 16.15 3.14
C THR A 452 16.85 15.77 1.98
N ALA A 453 15.55 15.69 2.28
CA ALA A 453 14.50 15.47 1.28
C ALA A 453 13.16 15.58 1.99
N VAL A 454 12.12 15.90 1.22
CA VAL A 454 10.78 15.92 1.77
C VAL A 454 10.38 14.50 2.16
N GLY A 455 9.84 14.35 3.36
CA GLY A 455 9.36 13.07 3.83
C GLY A 455 10.35 12.25 4.62
N ARG A 456 11.59 12.70 4.75
CA ARG A 456 12.59 11.97 5.52
C ARG A 456 12.63 12.46 6.97
N THR A 457 13.16 11.61 7.84
CA THR A 457 13.03 11.81 9.28
C THR A 457 13.76 13.07 9.74
N ALA A 458 15.07 13.13 9.52
CA ALA A 458 15.86 14.23 10.05
C ALA A 458 15.67 15.51 9.25
N GLY A 459 15.52 15.40 7.92
CA GLY A 459 15.44 16.58 7.09
C GLY A 459 14.05 17.19 6.99
N TRP A 460 13.01 16.45 7.34
CA TRP A 460 11.66 16.96 7.10
C TRP A 460 10.68 16.64 8.24
N ASN A 461 10.49 15.37 8.54
CA ASN A 461 9.36 14.98 9.40
C ASN A 461 9.51 15.53 10.81
N ILE A 462 10.72 15.50 11.36
CA ILE A 462 10.93 16.01 12.71
C ILE A 462 10.95 17.55 12.70
N PRO A 463 11.81 18.21 11.90
CA PRO A 463 11.83 19.69 11.98
C PRO A 463 10.53 20.34 11.53
N MET A 464 9.96 19.94 10.40
CA MET A 464 8.72 20.58 9.93
C MET A 464 7.51 20.16 10.76
N GLY A 465 7.55 18.98 11.38
CA GLY A 465 6.47 18.61 12.29
C GLY A 465 6.39 19.53 13.49
N LEU A 466 7.55 19.83 14.09
CA LEU A 466 7.59 20.82 15.16
C LEU A 466 7.17 22.19 14.66
N LEU A 467 7.64 22.57 13.47
CA LEU A 467 7.24 23.85 12.88
C LEU A 467 5.74 23.92 12.67
N TYR A 468 5.13 22.80 12.25
CA TYR A 468 3.69 22.77 12.06
C TYR A 468 2.95 23.12 13.35
N ASN A 469 3.51 22.77 14.50
CA ASN A 469 2.81 23.01 15.76
C ASN A 469 2.71 24.50 16.08
N LYS A 470 3.66 25.30 15.62
CA LYS A 470 3.66 26.73 15.93
C LYS A 470 3.23 27.62 14.77
N ILE A 471 2.85 27.06 13.62
CA ILE A 471 2.29 27.88 12.54
C ILE A 471 1.00 27.24 12.05
N ASN A 472 0.80 25.96 12.39
CA ASN A 472 -0.43 25.24 12.07
C ASN A 472 -0.78 25.30 10.57
N HIS A 473 0.21 25.00 9.73
CA HIS A 473 -0.05 24.75 8.31
C HIS A 473 1.20 24.11 7.72
N CYS A 474 1.07 23.64 6.48
CA CYS A 474 2.12 22.85 5.85
C CYS A 474 2.74 23.55 4.64
N ARG A 475 2.49 24.84 4.47
CA ARG A 475 2.97 25.58 3.30
C ARG A 475 4.31 26.22 3.64
N PHE A 476 5.32 25.35 3.77
CA PHE A 476 6.62 25.79 4.25
C PHE A 476 7.39 26.61 3.21
N ASP A 477 7.01 26.52 1.94
CA ASP A 477 7.62 27.41 0.95
C ASP A 477 7.10 28.84 1.08
N GLU A 478 5.99 29.05 1.78
CA GLU A 478 5.52 30.37 2.14
C GLU A 478 6.03 30.85 3.49
N PHE A 479 6.69 29.97 4.25
CA PHE A 479 7.28 30.30 5.53
C PHE A 479 8.77 30.63 5.40
N PHE A 480 9.53 29.74 4.77
CA PHE A 480 10.89 30.05 4.38
C PHE A 480 10.88 30.88 3.11
N SER A 481 11.89 31.74 2.97
CA SER A 481 12.03 32.53 1.75
C SER A 481 12.27 31.62 0.55
N GLU A 482 13.18 30.67 0.69
CA GLU A 482 13.51 29.70 -0.35
C GLU A 482 14.37 28.63 0.28
N GLY A 483 14.64 27.58 -0.48
CA GLY A 483 15.39 26.48 0.09
C GLY A 483 15.68 25.40 -0.93
N CYS A 484 16.37 24.37 -0.45
CA CYS A 484 16.50 23.11 -1.18
C CYS A 484 15.89 22.02 -0.31
N ALA A 485 14.74 21.51 -0.75
CA ALA A 485 14.10 20.36 -0.12
C ALA A 485 13.82 19.38 -1.24
N PRO A 486 14.77 18.50 -1.57
CA PRO A 486 14.58 17.59 -2.70
C PRO A 486 13.31 16.77 -2.54
N GLY A 487 12.54 16.69 -3.62
CA GLY A 487 11.24 16.07 -3.61
C GLY A 487 10.08 17.05 -3.71
N SER A 488 10.32 18.33 -3.46
CA SER A 488 9.29 19.34 -3.63
C SER A 488 9.02 19.57 -5.12
N LYS A 489 7.86 20.15 -5.41
CA LYS A 489 7.48 20.37 -6.80
C LYS A 489 8.37 21.44 -7.42
N LYS A 490 8.79 21.17 -8.67
CA LYS A 490 9.94 21.87 -9.25
C LYS A 490 9.78 23.39 -9.25
N ASP A 491 8.54 23.87 -9.21
CA ASP A 491 8.27 25.30 -9.20
C ASP A 491 8.35 25.91 -7.80
N SER A 492 8.65 25.13 -6.78
CA SER A 492 8.48 25.58 -5.42
C SER A 492 9.63 26.47 -4.97
N SER A 493 9.31 27.38 -4.03
CA SER A 493 10.34 28.16 -3.36
C SER A 493 11.42 27.26 -2.75
N LEU A 494 11.06 26.03 -2.37
CA LEU A 494 11.99 25.12 -1.71
C LEU A 494 12.75 24.24 -2.68
N CYS A 495 12.79 24.61 -3.97
CA CYS A 495 13.68 23.98 -4.94
C CYS A 495 14.70 24.96 -5.49
N LYS A 496 14.55 26.26 -5.19
CA LYS A 496 15.36 27.28 -5.84
C LYS A 496 16.84 27.19 -5.47
N LEU A 497 17.16 26.76 -4.24
CA LEU A 497 18.55 26.70 -3.82
C LEU A 497 19.25 25.42 -4.28
N CYS A 498 18.51 24.43 -4.78
CA CYS A 498 19.10 23.16 -5.16
C CYS A 498 20.09 23.32 -6.31
N MET A 499 20.97 22.33 -6.47
CA MET A 499 22.09 22.43 -7.41
C MET A 499 22.04 21.44 -8.57
N GLY A 500 21.05 20.55 -8.62
CA GLY A 500 20.93 19.67 -9.77
C GLY A 500 20.65 20.45 -11.04
N SER A 501 21.14 19.92 -12.16
CA SER A 501 20.95 20.55 -13.46
C SER A 501 20.09 19.67 -14.36
N GLY A 502 19.47 20.30 -15.36
CA GLY A 502 18.54 19.58 -16.19
C GLY A 502 17.38 19.05 -15.38
N LEU A 503 16.92 17.85 -15.73
CA LEU A 503 15.81 17.23 -15.01
C LEU A 503 16.18 16.80 -13.59
N ASN A 504 17.46 16.93 -13.20
CA ASN A 504 17.87 16.49 -11.87
C ASN A 504 17.64 17.53 -10.79
N LEU A 505 17.47 18.80 -11.18
CA LEU A 505 17.21 19.86 -10.21
C LEU A 505 16.06 19.48 -9.29
N CYS A 506 16.38 19.43 -7.99
CA CYS A 506 15.46 19.14 -6.87
C CYS A 506 15.04 17.68 -6.78
N GLU A 507 15.68 16.77 -7.51
CA GLU A 507 15.30 15.37 -7.42
C GLU A 507 15.77 14.78 -6.09
N PRO A 508 14.97 13.93 -5.44
CA PRO A 508 15.37 13.23 -4.22
C PRO A 508 16.23 11.99 -4.51
N ASN A 509 17.30 12.19 -5.27
CA ASN A 509 18.26 11.11 -5.56
C ASN A 509 19.65 11.71 -5.64
N ASN A 510 20.62 10.87 -6.01
CA ASN A 510 22.03 11.25 -5.97
C ASN A 510 22.37 12.34 -6.97
N LYS A 511 21.65 12.40 -8.10
CA LYS A 511 22.01 13.36 -9.14
C LYS A 511 21.70 14.81 -8.73
N GLU A 512 21.17 15.03 -7.53
CA GLU A 512 21.00 16.36 -6.95
C GLU A 512 21.96 16.48 -5.77
N GLY A 513 22.98 17.32 -5.92
CA GLY A 513 24.09 17.39 -4.99
C GLY A 513 23.74 17.86 -3.60
N TYR A 514 22.56 18.43 -3.41
CA TYR A 514 22.12 18.87 -2.08
C TYR A 514 21.17 17.87 -1.44
N TYR A 515 21.04 16.68 -2.01
CA TYR A 515 20.17 15.65 -1.46
C TYR A 515 20.92 14.79 -0.45
N GLY A 516 20.25 14.47 0.65
CA GLY A 516 20.82 13.62 1.68
C GLY A 516 21.30 14.41 2.89
N TYR A 517 21.86 13.67 3.85
CA TYR A 517 22.38 14.27 5.07
C TYR A 517 23.49 15.28 4.74
N THR A 518 24.53 14.83 4.05
CA THR A 518 25.64 15.73 3.74
C THR A 518 25.28 16.72 2.63
N GLY A 519 24.42 16.32 1.70
CA GLY A 519 23.98 17.26 0.68
C GLY A 519 23.29 18.47 1.27
N ALA A 520 22.46 18.25 2.30
CA ALA A 520 21.80 19.37 2.97
C ALA A 520 22.80 20.21 3.75
N PHE A 521 23.86 19.60 4.28
CA PHE A 521 24.91 20.38 4.92
C PHE A 521 25.67 21.21 3.89
N ARG A 522 26.00 20.63 2.73
CA ARG A 522 26.63 21.39 1.67
C ARG A 522 25.78 22.58 1.26
N CYS A 523 24.46 22.35 1.17
CA CYS A 523 23.51 23.42 0.88
C CYS A 523 23.65 24.57 1.86
N LEU A 524 23.74 24.24 3.16
CA LEU A 524 23.93 25.28 4.16
C LEU A 524 25.27 25.97 3.98
N VAL A 525 26.32 25.23 3.63
CA VAL A 525 27.64 25.80 3.50
C VAL A 525 27.68 26.82 2.37
N GLU A 526 27.02 26.51 1.25
CA GLU A 526 27.15 27.32 0.04
C GLU A 526 26.01 28.32 -0.16
N LYS A 527 24.78 27.98 0.23
CA LYS A 527 23.65 28.85 -0.09
C LYS A 527 22.69 29.11 1.08
N GLY A 528 22.46 28.15 1.97
CA GLY A 528 21.36 28.28 2.91
C GLY A 528 21.73 28.94 4.23
N ASP A 529 20.70 29.12 5.05
CA ASP A 529 20.85 29.67 6.40
C ASP A 529 20.76 28.60 7.48
N VAL A 530 19.97 27.55 7.25
CA VAL A 530 19.75 26.49 8.24
C VAL A 530 19.70 25.16 7.51
N ALA A 531 20.26 24.12 8.14
CA ALA A 531 20.28 22.78 7.58
C ALA A 531 19.74 21.80 8.61
N PHE A 532 18.73 21.03 8.21
CA PHE A 532 18.11 20.03 9.08
C PHE A 532 18.71 18.68 8.74
N VAL A 533 19.56 18.17 9.63
CA VAL A 533 20.31 16.94 9.38
C VAL A 533 20.39 16.15 10.69
N LYS A 534 21.39 15.29 10.81
CA LYS A 534 21.57 14.48 12.00
C LYS A 534 22.89 14.86 12.69
N HIS A 535 23.01 14.40 13.94
CA HIS A 535 24.04 14.92 14.84
C HIS A 535 25.46 14.59 14.40
N GLN A 536 25.65 13.61 13.51
CA GLN A 536 26.97 13.24 13.06
C GLN A 536 27.35 13.87 11.72
N THR A 537 26.42 14.57 11.06
CA THR A 537 26.67 15.02 9.69
C THR A 537 27.76 16.07 9.62
N VAL A 538 27.72 17.08 10.50
CA VAL A 538 28.73 18.13 10.48
C VAL A 538 30.11 17.57 10.84
N PRO A 539 30.26 16.78 11.92
CA PRO A 539 31.62 16.28 12.22
C PRO A 539 32.23 15.40 11.13
N GLN A 540 31.43 14.62 10.40
CA GLN A 540 31.99 13.77 9.34
C GLN A 540 32.32 14.53 8.06
N ASN A 541 31.89 15.78 7.91
CA ASN A 541 32.13 16.54 6.70
C ASN A 541 32.92 17.83 6.97
N THR A 542 33.67 17.86 8.06
CA THR A 542 34.50 19.01 8.39
C THR A 542 35.89 18.51 8.82
N GLY A 543 36.80 19.46 9.00
CA GLY A 543 38.14 19.14 9.44
C GLY A 543 38.93 18.28 8.48
N GLY A 544 38.61 18.33 7.19
CA GLY A 544 39.28 17.53 6.19
C GLY A 544 38.80 16.11 6.04
N LYS A 545 37.91 15.66 6.93
CA LYS A 545 37.38 14.29 6.81
C LYS A 545 36.70 14.09 5.46
N ASN A 546 35.91 15.06 5.03
CA ASN A 546 35.41 15.08 3.66
C ASN A 546 36.41 15.83 2.80
N PRO A 547 36.98 15.20 1.76
CA PRO A 547 38.00 15.87 0.95
C PRO A 547 37.46 16.74 -0.19
N ASP A 548 36.17 16.68 -0.49
CA ASP A 548 35.63 17.42 -1.61
C ASP A 548 35.85 18.92 -1.41
N PRO A 549 36.11 19.68 -2.48
CA PRO A 549 36.47 21.09 -2.32
C PRO A 549 35.49 21.91 -1.49
N TRP A 550 34.21 21.56 -1.52
CA TRP A 550 33.22 22.33 -0.78
C TRP A 550 33.30 22.11 0.73
N ALA A 551 33.87 20.99 1.17
CA ALA A 551 33.96 20.67 2.60
C ALA A 551 35.37 20.64 3.14
N LYS A 552 36.38 20.52 2.28
CA LYS A 552 37.75 20.22 2.71
C LYS A 552 38.25 21.20 3.77
N ASN A 553 38.00 22.49 3.58
CA ASN A 553 38.59 23.53 4.42
C ASN A 553 37.64 24.05 5.50
N LEU A 554 36.57 23.33 5.79
CA LEU A 554 35.66 23.76 6.84
C LEU A 554 36.11 23.23 8.20
N ASN A 555 35.84 24.02 9.23
CA ASN A 555 36.02 23.61 10.62
C ASN A 555 34.66 23.57 11.29
N GLU A 556 34.42 22.55 12.10
CA GLU A 556 33.11 22.42 12.73
C GLU A 556 32.89 23.44 13.85
N LYS A 557 33.93 24.16 14.26
CA LYS A 557 33.75 25.24 15.22
C LYS A 557 33.07 26.46 14.61
N ASP A 558 32.93 26.52 13.29
CA ASP A 558 32.23 27.61 12.62
C ASP A 558 30.76 27.31 12.38
N TYR A 559 30.24 26.24 12.96
CA TYR A 559 28.84 25.87 12.82
C TYR A 559 28.28 25.53 14.19
N GLU A 560 27.01 25.84 14.37
CA GLU A 560 26.35 25.65 15.65
C GLU A 560 24.98 25.00 15.44
N LEU A 561 24.46 24.44 16.53
CA LEU A 561 23.15 23.81 16.52
C LEU A 561 22.12 24.75 17.13
N LEU A 562 20.92 24.73 16.56
CA LEU A 562 19.81 25.50 17.10
C LEU A 562 19.08 24.66 18.14
N CYS A 563 18.97 25.20 19.35
CA CYS A 563 18.27 24.53 20.42
C CYS A 563 16.78 24.86 20.40
N LEU A 564 15.98 23.95 20.95
CA LEU A 564 14.56 24.21 21.10
C LEU A 564 14.33 25.37 22.06
N ASP A 565 15.19 25.48 23.08
CA ASP A 565 15.26 26.67 23.93
C ASP A 565 15.09 27.96 23.15
N GLY A 566 15.77 28.05 22.01
CA GLY A 566 16.09 29.31 21.39
C GLY A 566 17.54 29.69 21.54
N THR A 567 18.31 28.89 22.27
CA THR A 567 19.74 29.10 22.42
C THR A 567 20.50 28.32 21.35
N ARG A 568 21.82 28.46 21.36
CA ARG A 568 22.69 27.78 20.41
C ARG A 568 23.83 27.12 21.17
N LYS A 569 24.38 26.06 20.61
CA LYS A 569 25.47 25.32 21.23
C LYS A 569 26.40 24.80 20.15
N PRO A 570 27.63 24.42 20.52
CA PRO A 570 28.54 23.84 19.53
C PRO A 570 28.02 22.53 18.96
N VAL A 571 28.65 22.10 17.86
CA VAL A 571 28.09 21.04 17.03
C VAL A 571 28.07 19.71 17.77
N GLU A 572 29.13 19.39 18.50
CA GLU A 572 29.22 18.10 19.17
C GLU A 572 28.58 18.10 20.56
N GLU A 573 27.90 19.19 20.93
CA GLU A 573 27.02 19.23 22.09
C GLU A 573 25.58 18.88 21.72
N TYR A 574 25.39 17.96 20.78
CA TYR A 574 24.07 17.66 20.26
C TYR A 574 23.17 17.00 21.29
N ALA A 575 23.75 16.34 22.30
CA ALA A 575 22.94 15.65 23.30
C ALA A 575 21.94 16.60 23.96
N ASN A 576 22.33 17.87 24.15
CA ASN A 576 21.48 18.83 24.83
C ASN A 576 21.15 20.03 23.95
N CYS A 577 21.13 19.83 22.64
CA CYS A 577 20.66 20.83 21.69
C CYS A 577 20.24 20.10 20.41
N HIS A 578 19.22 19.26 20.53
CA HIS A 578 18.65 18.53 19.41
C HIS A 578 17.19 18.89 19.26
N LEU A 579 16.64 18.60 18.08
CA LEU A 579 15.21 18.85 17.88
C LEU A 579 14.39 17.67 18.38
N ALA A 580 14.86 16.44 18.17
CA ALA A 580 14.18 15.24 18.64
C ALA A 580 15.07 14.04 18.36
N ARG A 581 14.83 12.96 19.11
CA ARG A 581 15.48 11.69 18.86
C ARG A 581 14.81 11.01 17.68
N ALA A 582 15.62 10.48 16.77
CA ALA A 582 14.96 9.95 15.58
C ALA A 582 14.89 8.43 15.61
N PRO A 583 13.79 7.87 15.12
CA PRO A 583 13.75 6.42 14.92
C PRO A 583 14.79 6.00 13.90
N ASN A 584 15.51 4.93 14.22
CA ASN A 584 16.54 4.43 13.33
C ASN A 584 15.93 3.97 12.00
N HIS A 585 16.76 3.94 10.96
CA HIS A 585 16.38 3.23 9.75
C HIS A 585 16.11 1.78 10.08
N ALA A 586 15.14 1.18 9.39
CA ALA A 586 14.75 -0.18 9.68
C ALA A 586 14.52 -0.94 8.37
N VAL A 587 14.71 -2.25 8.43
CA VAL A 587 14.36 -3.11 7.30
C VAL A 587 12.89 -3.49 7.42
N VAL A 588 12.17 -3.41 6.31
CA VAL A 588 10.74 -3.68 6.29
C VAL A 588 10.48 -4.84 5.34
N THR A 589 9.35 -5.51 5.57
CA THR A 589 9.03 -6.75 4.88
C THR A 589 7.54 -6.99 5.01
N ARG A 590 7.05 -8.04 4.34
CA ARG A 590 5.67 -8.45 4.51
C ARG A 590 5.52 -9.25 5.80
N LYS A 591 4.30 -9.27 6.34
CA LYS A 591 4.06 -9.95 7.60
C LYS A 591 4.33 -11.45 7.47
N ASP A 592 4.05 -12.04 6.31
CA ASP A 592 4.27 -13.46 6.11
C ASP A 592 5.74 -13.83 5.97
N LYS A 593 6.62 -12.85 5.74
CA LYS A 593 8.04 -13.12 5.64
C LYS A 593 8.83 -12.53 6.82
N GLU A 594 8.14 -12.01 7.83
CA GLU A 594 8.82 -11.32 8.92
C GLU A 594 9.73 -12.28 9.70
N ALA A 595 9.17 -13.39 10.18
CA ALA A 595 9.93 -14.31 11.01
C ALA A 595 11.18 -14.80 10.30
N CYS A 596 11.08 -15.00 8.97
CA CYS A 596 12.15 -15.59 8.17
C CYS A 596 13.19 -14.57 7.80
N VAL A 597 12.76 -13.37 7.38
CA VAL A 597 13.71 -12.29 7.14
C VAL A 597 14.50 -11.99 8.41
N HIS A 598 13.83 -12.08 9.56
CA HIS A 598 14.49 -11.87 10.84
C HIS A 598 15.64 -12.85 11.04
N LYS A 599 15.46 -14.11 10.64
CA LYS A 599 16.45 -15.12 10.92
C LYS A 599 17.60 -15.10 9.92
N ILE A 600 17.29 -14.97 8.63
CA ILE A 600 18.34 -14.99 7.60
C ILE A 600 19.27 -13.80 7.77
N LEU A 601 18.71 -12.62 8.07
CA LEU A 601 19.54 -11.43 8.23
C LEU A 601 20.36 -11.48 9.51
N ARG A 602 19.84 -12.11 10.57
CA ARG A 602 20.62 -12.27 11.79
C ARG A 602 21.81 -13.19 11.56
N GLN A 603 21.64 -14.22 10.73
CA GLN A 603 22.73 -15.13 10.44
C GLN A 603 23.76 -14.49 9.52
N GLN A 604 23.30 -13.65 8.59
CA GLN A 604 24.22 -13.07 7.61
C GLN A 604 25.05 -11.94 8.20
N GLN A 605 24.53 -11.21 9.18
CA GLN A 605 25.34 -10.19 9.85
C GLN A 605 26.25 -10.79 10.90
N HIS A 606 25.93 -12.00 11.39
CA HIS A 606 26.92 -12.73 12.18
C HIS A 606 28.15 -13.06 11.36
N LEU A 607 27.97 -13.24 10.04
CA LEU A 607 29.06 -13.65 9.18
C LEU A 607 29.71 -12.48 8.44
N PHE A 608 28.96 -11.41 8.15
CA PHE A 608 29.46 -10.28 7.38
C PHE A 608 29.26 -8.94 8.08
N GLY A 609 29.13 -8.94 9.40
CA GLY A 609 28.81 -7.73 10.14
C GLY A 609 30.01 -6.92 10.60
N SER A 610 30.26 -6.88 11.91
CA SER A 610 31.30 -6.01 12.45
C SER A 610 32.58 -6.82 12.65
N ASN A 611 33.25 -7.11 11.55
CA ASN A 611 34.51 -7.85 11.60
C ASN A 611 35.32 -7.66 10.32
N SER A 624 30.52 -0.71 1.72
CA SER A 624 30.04 0.22 0.71
C SER A 624 31.19 0.75 -0.11
N GLU A 625 31.05 0.67 -1.43
CA GLU A 625 32.02 1.26 -2.34
C GLU A 625 31.81 2.77 -2.45
N THR A 626 30.58 3.17 -2.81
CA THR A 626 30.23 4.59 -2.80
C THR A 626 29.97 5.03 -1.37
N LYS A 627 28.72 5.27 -1.02
CA LYS A 627 28.34 5.72 0.32
C LYS A 627 26.93 5.20 0.63
N ASP A 628 26.79 4.49 1.75
CA ASP A 628 25.48 4.13 2.31
C ASP A 628 24.62 3.35 1.32
N LEU A 629 25.20 2.29 0.76
CA LEU A 629 24.46 1.46 -0.18
C LEU A 629 23.81 0.29 0.56
N LEU A 630 22.50 0.14 0.37
CA LEU A 630 21.65 -0.83 1.06
C LEU A 630 21.48 -0.47 2.52
N PHE A 631 22.58 -0.32 3.25
CA PHE A 631 22.56 0.10 4.65
C PHE A 631 23.41 1.35 4.81
N ARG A 632 23.04 2.18 5.77
CA ARG A 632 23.90 3.31 6.11
C ARG A 632 25.23 2.76 6.65
N ASP A 633 26.30 3.50 6.39
CA ASP A 633 27.60 2.99 6.78
C ASP A 633 27.90 3.22 8.26
N ASP A 634 27.09 4.03 8.95
CA ASP A 634 27.25 4.14 10.40
C ASP A 634 26.80 2.89 11.13
N THR A 635 25.93 2.09 10.50
CA THR A 635 25.27 0.99 11.20
C THR A 635 26.27 -0.04 11.70
N VAL A 636 26.03 -0.54 12.91
CA VAL A 636 26.89 -1.54 13.53
C VAL A 636 26.22 -2.91 13.55
N CYS A 637 24.93 -2.97 13.87
CA CYS A 637 24.21 -4.23 13.98
C CYS A 637 22.76 -4.02 13.61
N LEU A 638 22.09 -5.11 13.25
CA LEU A 638 20.66 -5.09 12.96
C LEU A 638 19.94 -5.60 14.20
N ALA A 639 19.22 -4.70 14.87
CA ALA A 639 18.64 -4.99 16.18
C ALA A 639 17.22 -5.53 16.06
N LYS A 640 16.91 -6.51 16.91
CA LYS A 640 15.54 -6.99 17.03
C LYS A 640 14.66 -5.88 17.62
N LEU A 641 13.35 -5.98 17.38
CA LEU A 641 12.45 -4.90 17.71
C LEU A 641 11.36 -5.25 18.72
N HIS A 642 11.20 -6.54 19.07
CA HIS A 642 10.31 -6.98 20.16
C HIS A 642 8.88 -6.60 19.81
N ASP A 643 8.19 -5.83 20.66
CA ASP A 643 6.83 -5.41 20.36
C ASP A 643 6.77 -4.27 19.34
N ARG A 644 7.87 -3.55 19.14
CA ARG A 644 7.86 -2.46 18.16
C ARG A 644 7.95 -3.00 16.74
N ASN A 645 7.12 -3.99 16.41
CA ASN A 645 7.10 -4.61 15.10
C ASN A 645 6.00 -4.05 14.19
N THR A 646 5.50 -2.86 14.52
CA THR A 646 4.51 -2.16 13.71
C THR A 646 5.02 -0.73 13.51
N TYR A 647 4.68 -0.13 12.36
CA TYR A 647 5.15 1.22 12.09
C TYR A 647 4.65 2.21 13.14
N GLU A 648 3.44 1.99 13.66
CA GLU A 648 2.93 2.87 14.72
C GLU A 648 3.71 2.70 16.01
N LYS A 649 4.09 1.47 16.34
CA LYS A 649 4.84 1.20 17.56
C LYS A 649 6.33 1.39 17.39
N TYR A 650 6.84 1.26 16.16
CA TYR A 650 8.26 1.50 15.93
C TYR A 650 8.58 2.99 15.85
N LEU A 651 7.72 3.77 15.18
CA LEU A 651 8.00 5.20 15.04
C LEU A 651 7.54 6.01 16.24
N GLY A 652 6.46 5.61 16.89
CA GLY A 652 5.96 6.30 18.06
C GLY A 652 4.73 7.14 17.74
N GLU A 653 3.94 7.41 18.78
CA GLU A 653 2.71 8.17 18.62
C GLU A 653 2.99 9.62 18.23
N GLU A 654 4.08 10.21 18.74
CA GLU A 654 4.43 11.57 18.38
C GLU A 654 4.83 11.67 16.92
N TYR A 655 5.67 10.74 16.46
CA TYR A 655 6.12 10.74 15.08
C TYR A 655 4.94 10.59 14.12
N VAL A 656 4.06 9.63 14.40
CA VAL A 656 2.95 9.35 13.48
C VAL A 656 1.98 10.53 13.43
N LYS A 657 1.72 11.16 14.58
CA LYS A 657 0.82 12.31 14.59
C LYS A 657 1.41 13.48 13.81
N ALA A 658 2.73 13.67 13.90
CA ALA A 658 3.37 14.75 13.16
C ALA A 658 3.30 14.51 11.66
N VAL A 659 3.56 13.29 11.21
CA VAL A 659 3.48 12.98 9.79
C VAL A 659 2.05 13.10 9.29
N GLY A 660 1.08 12.67 10.10
CA GLY A 660 -0.31 12.89 9.73
C GLY A 660 -0.62 14.36 9.52
N ASN A 661 0.00 15.23 10.33
CA ASN A 661 -0.14 16.66 10.13
C ASN A 661 0.47 17.12 8.81
N LEU A 662 1.58 16.49 8.41
CA LEU A 662 2.34 16.97 7.26
C LEU A 662 1.84 16.42 5.93
N ARG A 663 1.14 15.28 5.94
CA ARG A 663 0.66 14.73 4.67
C ARG A 663 -0.49 15.53 4.08
N LYS A 664 -1.06 16.47 4.85
CA LYS A 664 -2.00 17.41 4.26
C LYS A 664 -1.38 18.17 3.09
N CYS A 665 -0.04 18.24 3.04
CA CYS A 665 0.67 18.81 1.89
C CYS A 665 1.61 17.82 1.22
N SER A 666 1.42 16.52 1.39
CA SER A 666 2.30 15.53 0.78
C SER A 666 1.85 15.17 -0.63
N THR A 667 2.83 14.85 -1.48
CA THR A 667 2.59 14.50 -2.87
C THR A 667 3.10 13.10 -3.20
N SER A 668 3.01 12.17 -2.24
CA SER A 668 3.50 10.82 -2.43
C SER A 668 2.44 10.00 -3.16
N SER A 669 2.77 9.58 -4.40
CA SER A 669 1.80 8.83 -5.20
C SER A 669 1.57 7.42 -4.64
N LEU A 670 2.63 6.79 -4.12
CA LEU A 670 2.46 5.47 -3.52
C LEU A 670 1.57 5.55 -2.27
N LEU A 671 1.84 6.54 -1.41
CA LEU A 671 0.99 6.73 -0.22
C LEU A 671 -0.44 7.04 -0.61
N GLU A 672 -0.65 7.73 -1.75
CA GLU A 672 -2.00 7.98 -2.21
C GLU A 672 -2.71 6.70 -2.61
N ALA A 673 -1.99 5.79 -3.28
CA ALA A 673 -2.56 4.50 -3.63
C ALA A 673 -2.90 3.68 -2.39
N CYS A 674 -2.00 3.68 -1.41
CA CYS A 674 -2.24 2.88 -0.22
C CYS A 674 -3.33 3.50 0.65
N THR A 675 -3.43 4.83 0.69
CA THR A 675 -4.52 5.48 1.41
C THR A 675 -5.87 5.21 0.75
N PHE A 676 -5.87 4.94 -0.56
CA PHE A 676 -7.12 4.63 -1.24
C PHE A 676 -7.70 3.29 -0.79
N ARG A 677 -6.85 2.34 -0.40
CA ARG A 677 -7.32 1.06 0.12
C ARG A 677 -7.52 1.07 1.62
N ARG A 678 -6.72 1.84 2.36
CA ARG A 678 -6.82 1.94 3.82
C ARG A 678 -6.73 3.41 4.19
N PRO A 679 -7.85 4.13 4.24
CA PRO A 679 -7.86 5.57 4.56
C PRO A 679 -7.39 5.86 5.98
FE FE B . 17.14 9.07 8.21
C1 MLI C . 17.47 11.56 5.67
C2 MLI C . 16.74 11.94 6.94
C3 MLI C . 17.36 10.08 5.33
O6 MLI C . 16.38 13.13 7.06
O7 MLI C . 16.54 11.09 7.83
O8 MLI C . 17.03 9.77 4.16
O9 MLI C . 17.60 9.23 6.21
OS OS D . -34.49 -9.25 -22.48
#